data_3NYO
#
_entry.id   3NYO
#
_cell.length_a   154.574
_cell.length_b   154.574
_cell.length_c   208.117
_cell.angle_alpha   90.000
_cell.angle_beta   90.000
_cell.angle_gamma   120.000
#
_symmetry.space_group_name_H-M   'P 61'
#
loop_
_entity.id
_entity.type
_entity.pdbx_description
1 polymer 'G protein-coupled receptor kinase 6'
2 non-polymer 'ADENOSINE MONOPHOSPHATE'
3 non-polymer 'SULFATE ION'
4 non-polymer (R,R)-2,3-BUTANEDIOL
5 water water
#
_entity_poly.entity_id   1
_entity_poly.type   'polypeptide(L)'
_entity_poly.pdbx_seq_one_letter_code
;(ACE)ELENIVANTVLLKAREGGGGNRKGKSKKWRQMLQFPHISQCEELRLSLERDYHSLCERQPIGRLLFREFCATRPE
LSRCVAFLDGVAEYEVTPDDKRKACGRQLTQNFLSHTGPDLIPEVPRQLVTNCTQRLEQGPCKDLFQELTRLTHEYLSVA
PFADYLDSIYFNRFLQWKWLERQPVTKNTFRQYRVLGKGGFGEVCACQVRATGKMYACKKLEKKRIKKRKGEAMALNEKQ
ILEKVNSRFVVSLAYAYETKDALCLVLTLMNGGDLKFHIYHMGQAGFPEARAVFYAAEICCGLEDLHRERIVYRDLKPEN
ILLDDHGHIRISDLGLAVHVPEGQTIKGRVGTVGYMAPEVVKNERYTFSPDWWALGCLLYEMIAGQSPFQQRKKKIKREE
VERLVKEVPEEYSERFSPQARSLCSQLLCKDPAERLGCRGGSAREVKEHPLFKKLNFKRLGAGMLEPPFKPDPQAIYCKD
VLDIEQFSTVKGVELEPTDQDFYQKFATGSVPIPWQNEMVETECFQELNVFGLDGSVPPDLDWKGQPPAPPKKGLLQRLF
SRQDCCGNCSDSEEELPTRL
;
_entity_poly.pdbx_strand_id   A,B
#
# COMPACT_ATOMS: atom_id res chain seq x y z
N GLU A 2 -42.16 -8.08 -31.12
CA GLU A 2 -41.39 -9.30 -30.93
C GLU A 2 -39.93 -9.03 -30.59
N LEU A 3 -39.22 -8.39 -31.53
CA LEU A 3 -37.88 -7.86 -31.33
C LEU A 3 -37.49 -7.75 -29.87
N GLU A 4 -38.27 -6.95 -29.13
CA GLU A 4 -37.96 -6.50 -27.78
C GLU A 4 -37.59 -7.62 -26.80
N ASN A 5 -38.38 -8.69 -26.78
CA ASN A 5 -38.18 -9.76 -25.81
C ASN A 5 -36.81 -10.40 -25.92
N ILE A 6 -36.56 -11.06 -27.05
CA ILE A 6 -35.32 -11.78 -27.30
C ILE A 6 -34.12 -10.91 -26.99
N VAL A 7 -34.27 -9.61 -27.27
CA VAL A 7 -33.26 -8.61 -26.98
C VAL A 7 -32.84 -8.68 -25.52
N ALA A 8 -33.63 -8.03 -24.65
CA ALA A 8 -33.30 -7.90 -23.24
C ALA A 8 -32.91 -9.23 -22.62
N ASN A 9 -33.50 -10.31 -23.14
CA ASN A 9 -33.18 -11.66 -22.69
C ASN A 9 -31.72 -12.02 -22.91
N THR A 10 -31.27 -11.88 -24.15
CA THR A 10 -29.89 -12.20 -24.48
C THR A 10 -28.95 -11.21 -23.79
N VAL A 11 -29.39 -9.96 -23.70
CA VAL A 11 -28.68 -8.91 -22.96
C VAL A 11 -28.33 -9.40 -21.57
N LEU A 12 -29.36 -9.76 -20.82
CA LEU A 12 -29.22 -10.20 -19.44
C LEU A 12 -28.25 -11.35 -19.30
N LEU A 13 -28.28 -12.27 -20.26
CA LEU A 13 -27.46 -13.46 -20.20
C LEU A 13 -25.97 -13.14 -20.31
N LYS A 14 -25.64 -12.16 -21.15
CA LYS A 14 -24.28 -11.68 -21.30
C LYS A 14 -23.77 -11.12 -19.98
N ALA A 15 -24.60 -10.29 -19.34
CA ALA A 15 -24.25 -9.68 -18.06
C ALA A 15 -24.06 -10.74 -16.98
N ARG A 16 -24.97 -11.71 -16.95
CA ARG A 16 -24.90 -12.81 -16.00
C ARG A 16 -23.70 -13.71 -16.30
N GLU A 17 -23.33 -13.75 -17.58
CA GLU A 17 -22.18 -14.53 -18.05
C GLU A 17 -20.87 -13.94 -17.53
N GLY A 18 -20.44 -12.85 -18.16
CA GLY A 18 -19.17 -12.21 -17.82
C GLY A 18 -19.18 -10.70 -17.97
N GLY A 19 -20.02 -10.19 -18.87
CA GLY A 19 -20.15 -8.76 -19.09
C GLY A 19 -19.41 -8.27 -20.32
N GLY A 20 -18.36 -7.49 -20.09
CA GLY A 20 -17.62 -6.84 -21.18
C GLY A 20 -16.13 -7.17 -21.25
N GLY A 21 -15.80 -8.44 -21.08
CA GLY A 21 -14.41 -8.92 -21.24
C GLY A 21 -13.54 -8.79 -19.99
N ASN A 22 -12.50 -7.96 -20.09
CA ASN A 22 -11.56 -7.71 -18.99
C ASN A 22 -12.28 -7.08 -17.79
N ARG A 23 -12.94 -5.97 -18.08
CA ARG A 23 -13.81 -5.29 -17.12
C ARG A 23 -15.06 -6.14 -16.87
N LYS A 24 -15.00 -6.94 -15.80
CA LYS A 24 -16.09 -7.83 -15.44
C LYS A 24 -17.32 -7.03 -15.08
N GLY A 25 -18.00 -6.54 -16.11
CA GLY A 25 -19.17 -5.68 -15.95
C GLY A 25 -18.85 -4.24 -15.59
N LYS A 26 -17.62 -3.99 -15.15
CA LYS A 26 -17.21 -2.67 -14.67
C LYS A 26 -17.22 -1.65 -15.81
N SER A 27 -17.71 -0.44 -15.50
CA SER A 27 -17.68 0.65 -16.46
C SER A 27 -16.25 1.06 -16.74
N LYS A 28 -15.95 1.41 -17.98
CA LYS A 28 -14.57 1.74 -18.40
C LYS A 28 -14.00 3.01 -17.74
N LYS A 29 -14.65 3.52 -16.70
CA LYS A 29 -14.11 4.67 -15.98
C LYS A 29 -14.38 4.60 -14.48
N TRP A 30 -14.35 3.39 -13.94
CA TRP A 30 -14.67 3.16 -12.54
C TRP A 30 -13.62 3.72 -11.62
N ARG A 31 -12.35 3.47 -11.94
CA ARG A 31 -11.24 3.93 -11.12
C ARG A 31 -11.47 5.37 -10.70
N GLN A 32 -12.14 6.12 -11.56
CA GLN A 32 -12.49 7.51 -11.30
C GLN A 32 -13.70 7.61 -10.39
N MET A 33 -14.76 6.87 -10.72
CA MET A 33 -15.96 6.82 -9.87
C MET A 33 -15.62 6.55 -8.41
N LEU A 34 -14.55 5.77 -8.18
CA LEU A 34 -14.14 5.33 -6.86
C LEU A 34 -12.83 5.94 -6.40
N GLN A 35 -12.51 7.13 -6.90
CA GLN A 35 -11.31 7.80 -6.43
C GLN A 35 -11.52 8.22 -4.99
N PHE A 36 -10.53 7.92 -4.14
CA PHE A 36 -10.61 8.27 -2.73
C PHE A 36 -10.69 9.76 -2.55
N PRO A 37 -11.19 10.20 -1.38
CA PRO A 37 -11.24 11.61 -1.06
C PRO A 37 -9.98 12.04 -0.35
N HIS A 38 -9.83 13.35 -0.18
CA HIS A 38 -8.68 13.91 0.55
C HIS A 38 -8.80 13.50 2.00
N ILE A 39 -7.66 13.30 2.66
CA ILE A 39 -7.66 12.86 4.04
C ILE A 39 -8.53 13.79 4.87
N SER A 40 -8.41 15.09 4.62
CA SER A 40 -9.18 16.11 5.34
C SER A 40 -10.68 15.94 5.18
N GLN A 41 -11.11 15.41 4.03
CA GLN A 41 -12.52 15.16 3.77
C GLN A 41 -13.07 14.08 4.69
N CYS A 42 -12.19 13.41 5.41
CA CYS A 42 -12.61 12.32 6.28
C CYS A 42 -12.79 12.75 7.72
N GLU A 43 -11.95 13.68 8.18
CA GLU A 43 -11.97 14.15 9.56
C GLU A 43 -13.38 14.22 10.18
N GLU A 44 -14.36 14.71 9.43
CA GLU A 44 -15.75 14.75 9.91
C GLU A 44 -16.22 13.34 10.26
N LEU A 45 -16.14 12.46 9.27
CA LEU A 45 -16.57 11.08 9.41
C LEU A 45 -15.77 10.35 10.48
N ARG A 46 -14.53 10.75 10.70
CA ARG A 46 -13.73 10.14 11.76
C ARG A 46 -14.43 10.30 13.10
N LEU A 47 -14.76 11.55 13.43
CA LEU A 47 -15.45 11.87 14.67
C LEU A 47 -16.77 11.13 14.86
N SER A 48 -17.52 10.95 13.78
CA SER A 48 -18.83 10.28 13.85
C SER A 48 -18.70 8.83 14.28
N LEU A 49 -17.76 8.10 13.68
CA LEU A 49 -17.64 6.67 13.91
C LEU A 49 -17.27 6.35 15.34
N GLU A 50 -17.95 5.39 15.96
CA GLU A 50 -17.66 4.99 17.34
C GLU A 50 -16.37 4.19 17.35
N ARG A 51 -15.58 4.37 18.39
CA ARG A 51 -14.37 3.57 18.55
C ARG A 51 -14.71 2.17 19.11
N ASP A 52 -15.54 1.43 18.38
CA ASP A 52 -16.00 0.15 18.83
C ASP A 52 -15.40 -1.05 18.10
N TYR A 53 -14.53 -1.77 18.82
CA TYR A 53 -13.79 -2.93 18.29
C TYR A 53 -14.65 -3.88 17.50
N HIS A 54 -15.74 -4.31 18.12
CA HIS A 54 -16.61 -5.28 17.48
C HIS A 54 -17.23 -4.74 16.20
N SER A 55 -17.37 -3.42 16.12
CA SER A 55 -17.95 -2.79 14.93
C SER A 55 -16.92 -2.68 13.82
N LEU A 56 -15.76 -2.16 14.14
CA LEU A 56 -14.78 -1.84 13.12
C LEU A 56 -13.95 -3.03 12.65
N CYS A 57 -13.74 -4.01 13.53
CA CYS A 57 -12.82 -5.09 13.21
C CYS A 57 -13.47 -6.43 12.99
N GLU A 58 -14.73 -6.54 13.35
CA GLU A 58 -15.39 -7.81 13.30
C GLU A 58 -16.53 -7.81 12.31
N ARG A 59 -17.41 -6.82 12.40
CA ARG A 59 -18.62 -6.86 11.56
C ARG A 59 -18.40 -6.32 10.15
N GLN A 60 -17.52 -5.34 10.00
CA GLN A 60 -17.40 -4.66 8.74
C GLN A 60 -16.26 -5.24 7.92
N PRO A 61 -16.59 -6.15 7.00
CA PRO A 61 -15.63 -6.95 6.20
C PRO A 61 -14.36 -6.17 5.81
N ILE A 62 -14.53 -4.98 5.23
CA ILE A 62 -13.39 -4.16 4.86
C ILE A 62 -12.65 -3.74 6.09
N GLY A 63 -13.40 -3.36 7.12
CA GLY A 63 -12.80 -3.02 8.39
C GLY A 63 -11.94 -4.16 8.87
N ARG A 64 -12.54 -5.34 8.99
CA ARG A 64 -11.79 -6.53 9.42
C ARG A 64 -10.56 -6.71 8.55
N LEU A 65 -10.77 -6.77 7.24
CA LEU A 65 -9.66 -6.94 6.31
C LEU A 65 -8.50 -6.01 6.60
N LEU A 66 -8.78 -4.72 6.69
CA LEU A 66 -7.75 -3.74 6.98
C LEU A 66 -7.07 -4.01 8.32
N PHE A 67 -7.86 -4.40 9.32
CA PHE A 67 -7.30 -4.75 10.60
C PHE A 67 -6.36 -5.92 10.47
N ARG A 68 -6.80 -6.98 9.80
CA ARG A 68 -5.94 -8.11 9.52
C ARG A 68 -4.67 -7.64 8.85
N GLU A 69 -4.83 -6.93 7.74
CA GLU A 69 -3.76 -6.34 6.97
C GLU A 69 -2.77 -5.58 7.87
N PHE A 70 -3.29 -4.83 8.83
CA PHE A 70 -2.46 -4.10 9.79
C PHE A 70 -1.70 -5.09 10.66
N CYS A 71 -2.40 -6.11 11.15
CA CYS A 71 -1.81 -7.11 12.02
C CYS A 71 -0.66 -7.81 11.34
N ALA A 72 -0.83 -8.13 10.06
CA ALA A 72 0.21 -8.81 9.29
C ALA A 72 1.61 -8.20 9.52
N THR A 73 1.68 -6.91 9.81
CA THR A 73 2.98 -6.28 10.02
C THR A 73 3.68 -6.80 11.26
N ARG A 74 2.96 -6.84 12.39
CA ARG A 74 3.59 -7.22 13.66
C ARG A 74 3.41 -8.71 14.01
N PRO A 75 4.54 -9.46 14.05
CA PRO A 75 4.55 -10.92 14.22
C PRO A 75 3.68 -11.42 15.37
N GLU A 76 3.73 -10.74 16.50
CA GLU A 76 2.90 -11.12 17.67
C GLU A 76 1.41 -11.11 17.31
N LEU A 77 0.99 -10.13 16.51
CA LEU A 77 -0.39 -10.05 16.05
C LEU A 77 -0.63 -11.04 14.93
N SER A 78 0.19 -10.96 13.88
CA SER A 78 0.10 -11.87 12.76
C SER A 78 -0.20 -13.28 13.23
N ARG A 79 0.46 -13.69 14.31
CA ARG A 79 0.21 -15.03 14.85
C ARG A 79 -1.11 -15.16 15.63
N CYS A 80 -1.50 -14.14 16.38
CA CYS A 80 -2.83 -14.15 17.02
C CYS A 80 -3.90 -14.40 15.98
N VAL A 81 -3.87 -13.61 14.90
CA VAL A 81 -4.88 -13.71 13.86
C VAL A 81 -4.93 -15.13 13.34
N ALA A 82 -3.82 -15.60 12.77
CA ALA A 82 -3.74 -16.98 12.26
C ALA A 82 -4.39 -17.97 13.24
N PHE A 83 -4.12 -17.78 14.53
CA PHE A 83 -4.68 -18.64 15.58
C PHE A 83 -6.21 -18.65 15.51
N LEU A 84 -6.79 -17.46 15.55
CA LEU A 84 -8.24 -17.33 15.48
C LEU A 84 -8.79 -18.04 14.24
N ASP A 85 -8.12 -17.82 13.10
CA ASP A 85 -8.52 -18.43 11.82
C ASP A 85 -8.48 -19.94 11.91
N GLY A 86 -7.55 -20.45 12.71
CA GLY A 86 -7.45 -21.89 12.99
C GLY A 86 -8.64 -22.43 13.75
N VAL A 87 -8.88 -21.88 14.95
CA VAL A 87 -10.01 -22.27 15.78
C VAL A 87 -11.29 -22.26 14.94
N ALA A 88 -11.54 -21.13 14.28
CA ALA A 88 -12.72 -20.95 13.46
C ALA A 88 -12.92 -22.11 12.51
N GLU A 89 -11.82 -22.60 11.94
CA GLU A 89 -11.87 -23.77 11.08
C GLU A 89 -12.18 -25.00 11.92
N TYR A 90 -11.34 -25.27 12.91
CA TYR A 90 -11.51 -26.41 13.82
C TYR A 90 -12.97 -26.56 14.23
N GLU A 91 -13.60 -25.42 14.54
CA GLU A 91 -14.98 -25.40 15.02
C GLU A 91 -16.03 -25.72 13.96
N VAL A 92 -15.57 -26.08 12.77
CA VAL A 92 -16.45 -26.49 11.69
C VAL A 92 -15.89 -27.74 11.01
N THR A 93 -14.76 -28.21 11.52
CA THR A 93 -14.13 -29.41 11.00
C THR A 93 -14.86 -30.65 11.54
N PRO A 94 -15.29 -31.55 10.64
CA PRO A 94 -15.99 -32.78 11.01
C PRO A 94 -15.24 -33.65 12.02
N ASP A 95 -16.00 -34.47 12.76
CA ASP A 95 -15.53 -35.23 13.93
C ASP A 95 -14.34 -36.15 13.66
N ASP A 96 -14.42 -36.92 12.57
CA ASP A 96 -13.37 -37.88 12.21
C ASP A 96 -12.01 -37.22 11.93
N LYS A 97 -12.03 -35.96 11.50
CA LYS A 97 -10.81 -35.22 11.19
C LYS A 97 -10.42 -34.23 12.30
N ARG A 98 -11.40 -33.88 13.14
CA ARG A 98 -11.26 -32.82 14.15
C ARG A 98 -10.04 -32.96 15.05
N LYS A 99 -9.85 -34.15 15.62
CA LYS A 99 -8.73 -34.40 16.52
C LYS A 99 -7.38 -34.19 15.86
N ALA A 100 -7.26 -34.63 14.60
CA ALA A 100 -6.04 -34.48 13.81
C ALA A 100 -5.72 -33.01 13.54
N CYS A 101 -6.74 -32.24 13.17
CA CYS A 101 -6.60 -30.82 12.91
C CYS A 101 -6.28 -30.05 14.18
N GLY A 102 -7.01 -30.33 15.26
CA GLY A 102 -6.83 -29.66 16.54
C GLY A 102 -5.43 -29.77 17.09
N ARG A 103 -4.86 -30.98 17.04
CA ARG A 103 -3.52 -31.22 17.56
C ARG A 103 -2.45 -30.38 16.87
N GLN A 104 -2.64 -30.12 15.58
CA GLN A 104 -1.69 -29.31 14.84
C GLN A 104 -1.64 -27.89 15.41
N LEU A 105 -2.80 -27.32 15.66
CA LEU A 105 -2.90 -25.98 16.23
C LEU A 105 -2.32 -25.95 17.63
N THR A 106 -2.58 -27.01 18.39
CA THR A 106 -2.03 -27.16 19.73
C THR A 106 -0.52 -27.04 19.65
N GLN A 107 0.08 -27.80 18.75
CA GLN A 107 1.53 -27.85 18.64
C GLN A 107 2.11 -26.60 18.00
N ASN A 108 1.31 -25.92 17.19
CA ASN A 108 1.74 -24.70 16.51
C ASN A 108 1.74 -23.49 17.45
N PHE A 109 0.59 -23.19 18.03
CA PHE A 109 0.41 -21.95 18.76
C PHE A 109 0.66 -22.06 20.25
N LEU A 110 0.49 -23.26 20.80
CA LEU A 110 0.57 -23.47 22.24
C LEU A 110 1.89 -24.06 22.71
N SER A 111 2.77 -24.34 21.76
CA SER A 111 4.12 -24.85 22.05
C SER A 111 4.75 -24.04 23.17
N HIS A 112 5.13 -24.71 24.25
CA HIS A 112 5.80 -24.07 25.38
C HIS A 112 7.24 -23.68 25.06
N THR A 113 7.72 -24.11 23.89
CA THR A 113 9.11 -23.88 23.45
C THR A 113 9.30 -22.55 22.71
N GLY A 114 8.48 -22.31 21.69
CA GLY A 114 8.60 -21.11 20.87
C GLY A 114 8.06 -19.85 21.54
N PRO A 115 8.20 -18.69 20.86
CA PRO A 115 7.69 -17.42 21.39
C PRO A 115 6.24 -17.51 21.87
N ASP A 116 5.94 -16.88 23.00
CA ASP A 116 4.63 -16.98 23.65
C ASP A 116 3.53 -16.27 22.86
N LEU A 117 2.30 -16.77 22.97
CA LEU A 117 1.16 -16.27 22.22
C LEU A 117 0.71 -14.89 22.68
N ILE A 118 0.14 -14.82 23.88
CA ILE A 118 -0.29 -13.55 24.46
C ILE A 118 0.60 -13.18 25.66
N PRO A 119 0.71 -11.88 25.99
CA PRO A 119 1.62 -11.40 27.02
C PRO A 119 1.50 -12.09 28.38
N GLU A 120 0.28 -12.35 28.83
CA GLU A 120 0.06 -12.93 30.16
C GLU A 120 -0.91 -14.11 30.14
N VAL A 121 -0.38 -15.28 29.77
CA VAL A 121 -1.19 -16.50 29.71
C VAL A 121 -0.92 -17.43 30.90
N PRO A 122 -1.95 -17.65 31.74
CA PRO A 122 -1.86 -18.56 32.88
C PRO A 122 -1.55 -19.99 32.44
N ARG A 123 -0.49 -20.56 33.01
CA ARG A 123 0.02 -21.87 32.62
C ARG A 123 -1.00 -22.99 32.86
N GLN A 124 -1.89 -22.76 33.82
CA GLN A 124 -2.99 -23.68 34.10
C GLN A 124 -3.81 -23.96 32.86
N LEU A 125 -4.40 -22.90 32.31
CA LEU A 125 -5.31 -22.99 31.18
C LEU A 125 -4.65 -23.56 29.93
N VAL A 126 -3.33 -23.47 29.88
CA VAL A 126 -2.55 -24.07 28.81
C VAL A 126 -2.70 -25.59 28.90
N THR A 127 -2.21 -26.15 30.01
CA THR A 127 -2.22 -27.60 30.22
C THR A 127 -3.65 -28.12 30.37
N ASN A 128 -4.47 -27.37 31.08
CA ASN A 128 -5.88 -27.70 31.27
C ASN A 128 -6.59 -28.02 29.95
N CYS A 129 -6.28 -27.23 28.92
CA CYS A 129 -6.87 -27.42 27.61
C CYS A 129 -6.31 -28.64 26.90
N THR A 130 -5.00 -28.82 27.00
CA THR A 130 -4.29 -29.92 26.34
C THR A 130 -4.90 -31.29 26.69
N GLN A 131 -5.28 -31.42 27.96
CA GLN A 131 -5.86 -32.64 28.48
C GLN A 131 -7.25 -32.87 27.90
N ARG A 132 -8.16 -31.94 28.19
CA ARG A 132 -9.55 -31.97 27.74
C ARG A 132 -9.66 -32.30 26.24
N LEU A 133 -8.67 -31.85 25.48
CA LEU A 133 -8.57 -32.11 24.05
C LEU A 133 -8.68 -33.59 23.68
N GLU A 134 -7.76 -34.38 24.22
CA GLU A 134 -7.51 -35.72 23.72
C GLU A 134 -8.66 -36.69 23.98
N GLN A 135 -9.32 -36.53 25.11
CA GLN A 135 -10.36 -37.46 25.55
C GLN A 135 -11.69 -37.31 24.80
N GLY A 136 -12.04 -36.07 24.45
CA GLY A 136 -13.27 -35.80 23.72
C GLY A 136 -13.29 -34.39 23.15
N PRO A 137 -12.65 -34.20 21.97
CA PRO A 137 -12.54 -32.90 21.31
C PRO A 137 -13.90 -32.24 21.07
N CYS A 138 -14.29 -31.37 21.99
CA CYS A 138 -15.55 -30.64 21.92
C CYS A 138 -15.40 -29.32 21.18
N LYS A 139 -16.51 -28.78 20.70
CA LYS A 139 -16.53 -27.54 19.92
C LYS A 139 -15.86 -26.38 20.67
N ASP A 140 -16.38 -26.08 21.85
CA ASP A 140 -15.97 -24.92 22.63
C ASP A 140 -14.64 -25.12 23.38
N LEU A 141 -13.80 -26.00 22.85
CA LEU A 141 -12.52 -26.31 23.47
C LEU A 141 -11.69 -25.06 23.73
N PHE A 142 -11.60 -24.19 22.72
CA PHE A 142 -10.71 -23.05 22.77
C PHE A 142 -11.35 -21.74 23.21
N GLN A 143 -12.68 -21.72 23.28
CA GLN A 143 -13.43 -20.55 23.71
C GLN A 143 -12.76 -19.76 24.82
N GLU A 144 -12.11 -20.46 25.75
CA GLU A 144 -11.36 -19.82 26.82
C GLU A 144 -10.29 -18.89 26.25
N LEU A 145 -9.49 -19.41 25.31
CA LEU A 145 -8.40 -18.65 24.69
C LEU A 145 -8.90 -17.62 23.67
N THR A 146 -9.81 -18.06 22.80
CA THR A 146 -10.48 -17.17 21.88
C THR A 146 -10.91 -15.90 22.59
N ARG A 147 -11.67 -16.04 23.68
CA ARG A 147 -12.13 -14.89 24.45
C ARG A 147 -10.96 -14.03 24.96
N LEU A 148 -9.91 -14.69 25.44
CA LEU A 148 -8.71 -14.01 25.93
C LEU A 148 -7.94 -13.29 24.82
N THR A 149 -7.84 -13.95 23.68
CA THR A 149 -7.19 -13.36 22.51
C THR A 149 -7.88 -12.07 22.11
N HIS A 150 -9.16 -12.12 21.85
CA HIS A 150 -9.91 -10.93 21.50
C HIS A 150 -9.72 -9.84 22.55
N GLU A 151 -9.81 -10.19 23.83
CA GLU A 151 -9.57 -9.24 24.91
C GLU A 151 -8.23 -8.52 24.74
N TYR A 152 -7.23 -9.26 24.29
CA TYR A 152 -5.91 -8.69 24.05
C TYR A 152 -6.03 -7.66 22.94
N LEU A 153 -6.40 -8.11 21.75
CA LEU A 153 -6.46 -7.25 20.58
C LEU A 153 -7.28 -6.01 20.85
N SER A 154 -8.48 -6.20 21.38
CA SER A 154 -9.45 -5.13 21.50
C SER A 154 -9.02 -3.96 22.37
N VAL A 155 -7.83 -4.04 22.96
CA VAL A 155 -7.30 -2.94 23.74
C VAL A 155 -6.18 -2.19 23.01
N ALA A 156 -4.93 -2.58 23.24
CA ALA A 156 -3.81 -1.79 22.73
C ALA A 156 -3.56 -1.97 21.23
N PRO A 157 -3.55 -3.22 20.73
CA PRO A 157 -3.41 -3.40 19.30
C PRO A 157 -4.57 -2.76 18.53
N PHE A 158 -5.71 -2.63 19.19
CA PHE A 158 -6.81 -1.87 18.62
C PHE A 158 -6.39 -0.41 18.48
N ALA A 159 -6.25 0.28 19.62
CA ALA A 159 -5.87 1.70 19.64
C ALA A 159 -4.78 1.98 18.63
N ASP A 160 -3.81 1.07 18.59
CA ASP A 160 -2.69 1.19 17.65
C ASP A 160 -3.17 1.26 16.20
N TYR A 161 -4.05 0.35 15.81
CA TYR A 161 -4.59 0.36 14.47
C TYR A 161 -5.34 1.66 14.23
N LEU A 162 -6.18 2.05 15.17
CA LEU A 162 -6.98 3.27 15.00
C LEU A 162 -6.07 4.45 14.73
N ASP A 163 -4.87 4.38 15.28
CA ASP A 163 -3.94 5.46 15.13
C ASP A 163 -2.91 5.14 14.05
N SER A 164 -3.24 4.17 13.20
CA SER A 164 -2.38 3.79 12.07
C SER A 164 -2.91 4.30 10.76
N ILE A 165 -2.02 4.36 9.77
CA ILE A 165 -2.39 4.71 8.41
C ILE A 165 -3.53 3.85 7.89
N TYR A 166 -3.48 2.56 8.21
CA TYR A 166 -4.49 1.63 7.78
C TYR A 166 -5.86 2.20 8.07
N PHE A 167 -6.02 2.77 9.26
CA PHE A 167 -7.31 3.28 9.67
C PHE A 167 -7.75 4.46 8.79
N ASN A 168 -6.81 5.35 8.46
CA ASN A 168 -7.05 6.38 7.47
C ASN A 168 -7.59 5.76 6.22
N ARG A 169 -6.84 4.84 5.64
CA ARG A 169 -7.35 4.12 4.47
C ARG A 169 -8.80 3.63 4.69
N PHE A 170 -9.08 3.06 5.85
CA PHE A 170 -10.44 2.66 6.16
C PHE A 170 -11.45 3.80 6.06
N LEU A 171 -11.08 4.96 6.61
CA LEU A 171 -11.95 6.11 6.60
C LEU A 171 -12.27 6.46 5.19
N GLN A 172 -11.26 6.49 4.33
CA GLN A 172 -11.51 6.69 2.91
C GLN A 172 -12.58 5.70 2.42
N TRP A 173 -12.31 4.41 2.57
CA TRP A 173 -13.26 3.42 2.14
C TRP A 173 -14.65 3.73 2.67
N LYS A 174 -14.71 4.18 3.91
CA LYS A 174 -16.00 4.46 4.53
C LYS A 174 -16.68 5.63 3.82
N TRP A 175 -15.92 6.69 3.58
CA TRP A 175 -16.40 7.86 2.86
C TRP A 175 -17.11 7.43 1.59
N LEU A 176 -16.46 6.59 0.78
CA LEU A 176 -17.06 6.09 -0.45
C LEU A 176 -18.46 5.51 -0.26
N GLU A 177 -18.63 4.60 0.70
CA GLU A 177 -19.93 4.01 0.92
C GLU A 177 -20.94 5.06 1.34
N ARG A 178 -20.47 6.15 1.92
CA ARG A 178 -21.38 7.17 2.42
C ARG A 178 -21.79 8.14 1.34
N GLN A 179 -21.29 7.94 0.13
CA GLN A 179 -21.60 8.86 -0.97
C GLN A 179 -22.98 8.61 -1.52
N PRO A 180 -23.69 9.70 -1.90
CA PRO A 180 -25.02 9.62 -2.48
C PRO A 180 -25.12 8.56 -3.55
N VAL A 181 -26.28 7.93 -3.62
CA VAL A 181 -26.58 6.95 -4.63
C VAL A 181 -27.79 7.52 -5.35
N THR A 182 -27.80 7.43 -6.68
CA THR A 182 -28.92 7.89 -7.48
C THR A 182 -29.07 7.00 -8.68
N LYS A 183 -30.13 7.23 -9.45
CA LYS A 183 -30.37 6.54 -10.72
C LYS A 183 -29.07 6.15 -11.43
N ASN A 184 -28.11 7.07 -11.40
CA ASN A 184 -26.85 6.93 -12.13
C ASN A 184 -25.91 5.84 -11.69
N THR A 185 -26.11 5.31 -10.49
CA THR A 185 -25.18 4.36 -9.93
C THR A 185 -25.29 2.99 -10.59
N PHE A 186 -26.42 2.75 -11.27
CA PHE A 186 -26.74 1.43 -11.81
C PHE A 186 -27.17 1.47 -13.27
N ARG A 187 -27.08 0.32 -13.93
CA ARG A 187 -27.67 0.12 -15.25
C ARG A 187 -29.05 -0.48 -15.03
N GLN A 188 -29.89 -0.47 -16.06
CA GLN A 188 -31.20 -1.13 -15.98
C GLN A 188 -31.30 -2.33 -16.91
N TYR A 189 -32.28 -3.20 -16.67
CA TYR A 189 -32.57 -4.31 -17.57
C TYR A 189 -34.05 -4.62 -17.64
N ARG A 190 -34.39 -5.65 -18.41
CA ARG A 190 -35.77 -6.15 -18.49
C ARG A 190 -36.33 -6.36 -17.09
N VAL A 191 -37.65 -6.23 -16.95
CA VAL A 191 -38.29 -6.49 -15.66
C VAL A 191 -38.33 -7.99 -15.42
N LEU A 192 -38.50 -8.37 -14.16
CA LEU A 192 -38.48 -9.77 -13.75
C LEU A 192 -39.80 -10.24 -13.14
N GLY A 193 -40.61 -9.29 -12.70
CA GLY A 193 -41.92 -9.59 -12.11
C GLY A 193 -42.64 -8.32 -11.69
N LYS A 194 -43.92 -8.47 -11.31
CA LYS A 194 -44.71 -7.34 -10.83
C LYS A 194 -44.78 -7.35 -9.30
N GLY A 195 -44.27 -6.27 -8.70
CA GLY A 195 -44.29 -6.11 -7.24
C GLY A 195 -45.61 -5.53 -6.78
N GLY A 196 -45.69 -5.24 -5.48
CA GLY A 196 -46.90 -4.68 -4.91
C GLY A 196 -47.02 -3.20 -5.24
N PHE A 197 -45.89 -2.58 -5.58
CA PHE A 197 -45.85 -1.14 -5.78
C PHE A 197 -45.08 -0.70 -7.02
N GLY A 198 -44.62 -1.67 -7.81
CA GLY A 198 -43.87 -1.39 -9.04
C GLY A 198 -43.05 -2.59 -9.52
N GLU A 199 -42.48 -2.49 -10.71
CA GLU A 199 -41.77 -3.62 -11.31
C GLU A 199 -40.48 -3.96 -10.57
N VAL A 200 -40.07 -5.21 -10.66
CA VAL A 200 -38.77 -5.64 -10.18
C VAL A 200 -37.94 -6.02 -11.40
N CYS A 201 -36.83 -5.33 -11.61
CA CYS A 201 -35.94 -5.61 -12.73
C CYS A 201 -34.50 -5.76 -12.25
N ALA A 202 -33.68 -6.46 -13.03
CA ALA A 202 -32.28 -6.64 -12.70
C ALA A 202 -31.55 -5.33 -12.92
N CYS A 203 -30.35 -5.22 -12.32
CA CYS A 203 -29.56 -4.00 -12.39
C CYS A 203 -28.13 -4.28 -11.99
N GLN A 204 -27.21 -3.49 -12.55
CA GLN A 204 -25.79 -3.65 -12.27
C GLN A 204 -25.20 -2.36 -11.72
N VAL A 205 -24.29 -2.50 -10.76
CA VAL A 205 -23.59 -1.36 -10.21
C VAL A 205 -22.51 -1.04 -11.21
N ARG A 206 -22.65 0.10 -11.89
CA ARG A 206 -21.70 0.53 -12.91
C ARG A 206 -20.26 0.36 -12.47
N ALA A 207 -19.94 0.91 -11.30
CA ALA A 207 -18.58 0.95 -10.85
C ALA A 207 -18.00 -0.43 -10.53
N THR A 208 -18.79 -1.34 -9.96
CA THR A 208 -18.22 -2.62 -9.53
C THR A 208 -18.58 -3.78 -10.43
N GLY A 209 -19.71 -3.66 -11.13
CA GLY A 209 -20.14 -4.72 -12.03
C GLY A 209 -20.82 -5.88 -11.34
N LYS A 210 -21.18 -5.73 -10.07
CA LYS A 210 -21.95 -6.78 -9.41
C LYS A 210 -23.41 -6.65 -9.79
N MET A 211 -24.09 -7.80 -9.81
CA MET A 211 -25.48 -7.86 -10.20
C MET A 211 -26.37 -7.71 -8.99
N TYR A 212 -27.52 -7.10 -9.20
CA TYR A 212 -28.50 -6.94 -8.15
C TYR A 212 -29.90 -6.98 -8.73
N ALA A 213 -30.88 -7.07 -7.86
CA ALA A 213 -32.27 -6.88 -8.23
C ALA A 213 -32.67 -5.50 -7.75
N CYS A 214 -33.54 -4.83 -8.50
CA CYS A 214 -34.05 -3.55 -8.06
C CYS A 214 -35.56 -3.57 -7.89
N LYS A 215 -36.01 -3.70 -6.65
CA LYS A 215 -37.42 -3.58 -6.35
C LYS A 215 -37.78 -2.11 -6.37
N LYS A 216 -38.60 -1.72 -7.33
CA LYS A 216 -39.07 -0.36 -7.42
C LYS A 216 -40.44 -0.23 -6.79
N LEU A 217 -40.65 0.85 -6.03
CA LEU A 217 -41.93 1.15 -5.42
C LEU A 217 -42.34 2.56 -5.82
N GLU A 218 -43.37 2.66 -6.66
CA GLU A 218 -43.74 3.92 -7.31
C GLU A 218 -44.35 4.93 -6.35
N LYS A 219 -43.67 6.08 -6.20
CA LYS A 219 -44.04 7.09 -5.19
C LYS A 219 -45.53 7.38 -5.14
N LYS A 220 -46.15 7.49 -6.32
CA LYS A 220 -47.58 7.74 -6.42
C LYS A 220 -48.42 6.57 -5.90
N ARG A 221 -48.21 5.38 -6.46
CA ARG A 221 -48.94 4.19 -6.02
C ARG A 221 -48.85 3.92 -4.53
N ILE A 222 -47.98 4.66 -3.84
CA ILE A 222 -47.77 4.49 -2.41
C ILE A 222 -48.70 5.38 -1.60
N LYS A 223 -48.81 6.65 -2.00
CA LYS A 223 -49.70 7.59 -1.33
C LYS A 223 -51.16 7.16 -1.48
N LYS A 224 -51.51 6.64 -2.65
CA LYS A 224 -52.88 6.17 -2.92
C LYS A 224 -53.28 5.06 -1.95
N ARG A 225 -52.42 4.05 -1.79
CA ARG A 225 -52.69 2.96 -0.85
C ARG A 225 -52.27 3.30 0.58
N LYS A 226 -51.67 4.47 0.76
CA LYS A 226 -51.16 4.95 2.05
C LYS A 226 -50.25 3.93 2.77
N GLY A 227 -49.66 3.02 1.99
CA GLY A 227 -48.74 2.01 2.50
C GLY A 227 -47.33 2.55 2.66
N GLU A 228 -47.21 3.61 3.45
CA GLU A 228 -45.96 4.29 3.65
C GLU A 228 -45.10 3.54 4.66
N ALA A 229 -45.72 3.13 5.77
CA ALA A 229 -45.01 2.30 6.75
C ALA A 229 -44.56 1.01 6.07
N MET A 230 -45.52 0.31 5.44
CA MET A 230 -45.27 -0.99 4.82
C MET A 230 -43.99 -1.02 3.97
N ALA A 231 -43.68 0.11 3.34
CA ALA A 231 -42.43 0.22 2.61
C ALA A 231 -41.28 0.37 3.61
N LEU A 232 -41.23 1.49 4.33
CA LEU A 232 -40.17 1.74 5.30
C LEU A 232 -39.89 0.49 6.14
N ASN A 233 -40.97 -0.23 6.47
CA ASN A 233 -40.87 -1.43 7.26
C ASN A 233 -40.00 -2.46 6.58
N GLU A 234 -40.35 -2.83 5.35
CA GLU A 234 -39.57 -3.83 4.61
C GLU A 234 -38.10 -3.44 4.59
N LYS A 235 -37.85 -2.18 4.28
CA LYS A 235 -36.49 -1.66 4.23
C LYS A 235 -35.80 -1.87 5.57
N GLN A 236 -36.22 -1.12 6.59
CA GLN A 236 -35.57 -1.14 7.90
C GLN A 236 -35.26 -2.57 8.37
N ILE A 237 -36.18 -3.49 8.08
CA ILE A 237 -35.97 -4.88 8.40
C ILE A 237 -34.83 -5.42 7.57
N LEU A 238 -35.03 -5.48 6.25
CA LEU A 238 -34.01 -5.97 5.33
C LEU A 238 -32.61 -5.46 5.66
N GLU A 239 -32.55 -4.18 6.03
CA GLU A 239 -31.31 -3.51 6.42
C GLU A 239 -30.65 -4.24 7.58
N LYS A 240 -31.44 -4.54 8.60
CA LYS A 240 -30.93 -5.12 9.83
C LYS A 240 -30.49 -6.56 9.64
N VAL A 241 -31.23 -7.29 8.82
CA VAL A 241 -31.05 -8.73 8.64
C VAL A 241 -29.72 -9.05 7.97
N ASN A 242 -29.13 -10.18 8.34
CA ASN A 242 -27.87 -10.60 7.75
C ASN A 242 -27.79 -12.12 7.67
N SER A 243 -28.92 -12.72 7.33
CA SER A 243 -29.03 -14.17 7.24
C SER A 243 -28.67 -14.68 5.85
N ARG A 244 -28.25 -15.94 5.81
CA ARG A 244 -27.94 -16.61 4.54
C ARG A 244 -29.22 -16.97 3.79
N PHE A 245 -30.35 -16.83 4.45
CA PHE A 245 -31.57 -17.32 3.86
C PHE A 245 -32.59 -16.22 3.68
N VAL A 246 -32.14 -14.99 3.84
CA VAL A 246 -32.98 -13.87 3.51
C VAL A 246 -32.16 -12.99 2.60
N VAL A 247 -32.80 -12.47 1.56
CA VAL A 247 -32.14 -11.59 0.62
C VAL A 247 -31.59 -10.37 1.35
N SER A 248 -30.33 -10.06 1.11
CA SER A 248 -29.77 -8.88 1.71
C SER A 248 -30.09 -7.68 0.84
N LEU A 249 -30.20 -6.53 1.47
CA LEU A 249 -30.43 -5.28 0.80
C LEU A 249 -29.11 -4.51 0.75
N ALA A 250 -28.80 -3.88 -0.38
CA ALA A 250 -27.51 -3.20 -0.53
C ALA A 250 -27.64 -1.70 -0.73
N TYR A 251 -28.75 -1.27 -1.33
CA TYR A 251 -28.96 0.15 -1.54
C TYR A 251 -30.43 0.53 -1.33
N ALA A 252 -30.64 1.79 -0.97
CA ALA A 252 -31.96 2.37 -0.85
C ALA A 252 -31.88 3.79 -1.36
N TYR A 253 -32.49 4.06 -2.50
CA TYR A 253 -32.43 5.38 -3.10
C TYR A 253 -33.73 5.75 -3.80
N GLU A 254 -33.83 7.02 -4.19
CA GLU A 254 -35.04 7.53 -4.85
C GLU A 254 -34.79 8.03 -6.28
N THR A 255 -35.82 7.95 -7.09
CA THR A 255 -35.82 8.55 -8.41
C THR A 255 -36.96 9.56 -8.41
N LYS A 256 -37.18 10.24 -9.53
CA LYS A 256 -38.34 11.11 -9.71
C LYS A 256 -39.64 10.40 -9.32
N ASP A 257 -39.78 9.15 -9.73
CA ASP A 257 -41.05 8.45 -9.63
C ASP A 257 -41.13 7.43 -8.51
N ALA A 258 -39.98 6.92 -8.06
CA ALA A 258 -39.99 5.75 -7.19
C ALA A 258 -38.89 5.67 -6.15
N LEU A 259 -39.17 4.89 -5.11
CA LEU A 259 -38.17 4.49 -4.15
C LEU A 259 -37.72 3.09 -4.50
N CYS A 260 -36.45 2.78 -4.25
CA CYS A 260 -35.90 1.52 -4.71
C CYS A 260 -35.18 0.73 -3.65
N LEU A 261 -35.32 -0.59 -3.75
CA LEU A 261 -34.58 -1.50 -2.90
C LEU A 261 -33.73 -2.37 -3.78
N VAL A 262 -32.43 -2.33 -3.53
CA VAL A 262 -31.51 -3.12 -4.30
C VAL A 262 -31.17 -4.38 -3.54
N LEU A 263 -31.52 -5.52 -4.11
CA LEU A 263 -31.54 -6.76 -3.38
C LEU A 263 -30.70 -7.84 -4.03
N THR A 264 -30.18 -8.72 -3.19
CA THR A 264 -29.47 -9.91 -3.65
C THR A 264 -30.19 -10.45 -4.86
N LEU A 265 -29.52 -10.46 -6.01
CA LEU A 265 -30.15 -10.99 -7.21
C LEU A 265 -30.15 -12.51 -7.19
N MET A 266 -31.35 -13.05 -7.04
CA MET A 266 -31.55 -14.49 -7.03
C MET A 266 -31.88 -14.87 -8.45
N ASN A 267 -30.98 -15.64 -9.07
CA ASN A 267 -31.13 -15.93 -10.49
C ASN A 267 -32.08 -17.08 -10.83
N GLY A 268 -32.31 -17.95 -9.86
CA GLY A 268 -33.16 -19.12 -10.05
C GLY A 268 -34.65 -18.84 -9.99
N GLY A 269 -35.03 -17.58 -9.82
CA GLY A 269 -36.44 -17.17 -9.81
C GLY A 269 -37.22 -17.69 -8.60
N ASP A 270 -38.54 -17.50 -8.63
CA ASP A 270 -39.39 -17.88 -7.51
C ASP A 270 -39.86 -19.34 -7.57
N LEU A 271 -40.32 -19.85 -6.43
CA LEU A 271 -40.83 -21.22 -6.39
C LEU A 271 -42.19 -21.36 -7.05
N LYS A 272 -42.97 -20.28 -7.06
CA LYS A 272 -44.26 -20.27 -7.76
C LYS A 272 -44.07 -20.63 -9.23
N PHE A 273 -42.92 -20.24 -9.79
CA PHE A 273 -42.58 -20.60 -11.14
C PHE A 273 -42.18 -22.07 -11.23
N HIS A 274 -41.29 -22.49 -10.33
CA HIS A 274 -40.71 -23.82 -10.38
C HIS A 274 -41.69 -24.95 -10.11
N ILE A 275 -42.80 -24.63 -9.47
CA ILE A 275 -43.81 -25.64 -9.14
C ILE A 275 -44.84 -25.81 -10.26
N TYR A 276 -45.25 -24.70 -10.85
CA TYR A 276 -46.36 -24.70 -11.81
C TYR A 276 -45.92 -24.81 -13.27
N HIS A 277 -45.03 -23.92 -13.70
CA HIS A 277 -44.66 -23.84 -15.11
C HIS A 277 -43.44 -24.70 -15.47
N MET A 278 -43.21 -25.74 -14.68
CA MET A 278 -42.05 -26.61 -14.88
C MET A 278 -42.50 -28.03 -15.19
N GLY A 279 -43.04 -28.22 -16.40
CA GLY A 279 -43.58 -29.51 -16.81
C GLY A 279 -44.65 -29.99 -15.85
N GLN A 280 -44.56 -31.25 -15.45
CA GLN A 280 -45.47 -31.83 -14.46
C GLN A 280 -45.27 -31.13 -13.11
N ALA A 281 -46.37 -30.90 -12.40
CA ALA A 281 -46.37 -30.09 -11.19
C ALA A 281 -45.69 -30.76 -9.99
N GLY A 282 -44.96 -29.95 -9.21
CA GLY A 282 -44.38 -30.40 -7.94
C GLY A 282 -42.95 -30.88 -8.01
N PHE A 283 -42.42 -31.29 -6.86
CA PHE A 283 -41.05 -31.80 -6.75
C PHE A 283 -41.02 -33.17 -6.09
N PRO A 284 -40.00 -33.99 -6.42
CA PRO A 284 -39.77 -35.23 -5.67
C PRO A 284 -39.46 -34.93 -4.21
N GLU A 285 -39.77 -35.89 -3.33
CA GLU A 285 -39.65 -35.68 -1.89
C GLU A 285 -38.34 -35.01 -1.51
N ALA A 286 -37.23 -35.71 -1.72
CA ALA A 286 -35.90 -35.22 -1.37
C ALA A 286 -35.76 -33.70 -1.58
N ARG A 287 -36.27 -33.22 -2.71
CA ARG A 287 -36.15 -31.80 -3.07
C ARG A 287 -37.01 -30.91 -2.19
N ALA A 288 -38.31 -31.17 -2.17
CA ALA A 288 -39.24 -30.38 -1.35
C ALA A 288 -38.74 -30.29 0.08
N VAL A 289 -38.30 -31.44 0.61
CA VAL A 289 -37.67 -31.51 1.92
C VAL A 289 -36.56 -30.46 2.05
N PHE A 290 -35.57 -30.56 1.17
CA PHE A 290 -34.40 -29.69 1.21
C PHE A 290 -34.80 -28.22 1.35
N TYR A 291 -35.76 -27.80 0.55
CA TYR A 291 -36.20 -26.41 0.58
C TYR A 291 -36.83 -26.06 1.91
N ALA A 292 -37.84 -26.83 2.30
CA ALA A 292 -38.47 -26.64 3.59
C ALA A 292 -37.38 -26.52 4.66
N ALA A 293 -36.49 -27.51 4.68
CA ALA A 293 -35.37 -27.51 5.62
C ALA A 293 -34.61 -26.18 5.62
N GLU A 294 -34.40 -25.61 4.44
CA GLU A 294 -33.74 -24.33 4.35
C GLU A 294 -34.64 -23.22 4.88
N ILE A 295 -35.82 -23.11 4.27
CA ILE A 295 -36.81 -22.13 4.68
C ILE A 295 -37.03 -22.20 6.18
N CYS A 296 -36.84 -23.39 6.73
CA CYS A 296 -36.87 -23.57 8.16
C CYS A 296 -35.84 -22.66 8.83
N CYS A 297 -34.56 -22.87 8.52
CA CYS A 297 -33.46 -22.05 9.05
C CYS A 297 -33.73 -20.57 8.87
N GLY A 298 -34.23 -20.21 7.68
CA GLY A 298 -34.59 -18.84 7.40
C GLY A 298 -35.50 -18.31 8.47
N LEU A 299 -36.59 -19.04 8.69
CA LEU A 299 -37.53 -18.67 9.72
C LEU A 299 -36.86 -18.64 11.07
N GLU A 300 -36.00 -19.61 11.34
CA GLU A 300 -35.29 -19.61 12.61
C GLU A 300 -34.64 -18.26 12.77
N ASP A 301 -33.93 -17.82 11.73
CA ASP A 301 -33.14 -16.60 11.79
C ASP A 301 -33.97 -15.35 12.04
N LEU A 302 -35.05 -15.21 11.28
CA LEU A 302 -35.96 -14.10 11.48
C LEU A 302 -36.58 -14.13 12.88
N HIS A 303 -36.96 -15.32 13.34
CA HIS A 303 -37.52 -15.44 14.68
C HIS A 303 -36.45 -15.16 15.73
N ARG A 304 -35.24 -15.69 15.54
CA ARG A 304 -34.14 -15.43 16.47
C ARG A 304 -33.91 -13.93 16.60
N GLU A 305 -34.43 -13.19 15.62
CA GLU A 305 -34.35 -11.74 15.62
C GLU A 305 -35.68 -11.12 16.03
N ARG A 306 -36.54 -11.91 16.66
CA ARG A 306 -37.82 -11.40 17.17
C ARG A 306 -38.63 -10.74 16.05
N ILE A 307 -38.70 -11.43 14.93
CA ILE A 307 -39.41 -10.94 13.77
C ILE A 307 -40.22 -12.06 13.18
N VAL A 308 -41.48 -11.75 12.88
CA VAL A 308 -42.37 -12.69 12.23
C VAL A 308 -42.62 -12.27 10.77
N TYR A 309 -42.45 -13.22 9.88
CA TYR A 309 -42.52 -12.99 8.44
C TYR A 309 -43.92 -12.62 7.99
N ARG A 310 -44.88 -13.48 8.35
CA ARG A 310 -46.31 -13.30 8.05
C ARG A 310 -46.66 -13.39 6.57
N ASP A 311 -45.79 -13.95 5.74
CA ASP A 311 -46.09 -14.04 4.31
C ASP A 311 -45.32 -15.10 3.55
N LEU A 312 -45.01 -16.20 4.22
CA LEU A 312 -44.35 -17.32 3.56
C LEU A 312 -45.30 -17.92 2.53
N LYS A 313 -44.78 -18.15 1.32
CA LYS A 313 -45.58 -18.60 0.19
C LYS A 313 -44.68 -18.84 -1.03
N PRO A 314 -45.25 -19.25 -2.17
CA PRO A 314 -44.39 -19.52 -3.33
C PRO A 314 -43.84 -18.26 -4.01
N GLU A 315 -44.62 -17.18 -4.02
CA GLU A 315 -44.17 -15.92 -4.67
C GLU A 315 -42.88 -15.42 -4.04
N ASN A 316 -42.64 -15.81 -2.79
CA ASN A 316 -41.63 -15.16 -1.98
C ASN A 316 -40.49 -16.06 -1.54
N ILE A 317 -40.34 -17.19 -2.22
CA ILE A 317 -39.14 -18.01 -2.04
C ILE A 317 -38.41 -18.05 -3.37
N LEU A 318 -37.17 -17.58 -3.36
CA LEU A 318 -36.40 -17.46 -4.59
C LEU A 318 -35.14 -18.31 -4.53
N LEU A 319 -34.53 -18.56 -5.70
CA LEU A 319 -33.35 -19.42 -5.81
C LEU A 319 -32.11 -18.72 -6.29
N ASP A 320 -30.95 -19.11 -5.77
CA ASP A 320 -29.67 -18.53 -6.21
C ASP A 320 -28.99 -19.43 -7.26
N ASP A 321 -27.93 -18.90 -7.88
CA ASP A 321 -27.20 -19.61 -8.95
C ASP A 321 -26.89 -21.07 -8.61
N HIS A 322 -26.43 -21.31 -7.38
CA HIS A 322 -26.01 -22.64 -6.99
C HIS A 322 -27.21 -23.51 -6.62
N GLY A 323 -28.34 -22.87 -6.32
CA GLY A 323 -29.58 -23.61 -6.08
C GLY A 323 -30.08 -23.61 -4.66
N HIS A 324 -29.62 -22.67 -3.85
CA HIS A 324 -30.17 -22.48 -2.50
C HIS A 324 -31.28 -21.45 -2.56
N ILE A 325 -31.99 -21.28 -1.45
CA ILE A 325 -33.12 -20.35 -1.42
C ILE A 325 -32.95 -19.19 -0.45
N ARG A 326 -33.73 -18.14 -0.68
CA ARG A 326 -33.86 -17.06 0.27
C ARG A 326 -35.27 -16.53 0.30
N ILE A 327 -35.79 -16.35 1.51
CA ILE A 327 -37.03 -15.67 1.76
C ILE A 327 -36.91 -14.24 1.25
N SER A 328 -38.00 -13.70 0.72
CA SER A 328 -37.99 -12.36 0.15
C SER A 328 -39.35 -11.70 0.28
N ASP A 329 -39.45 -10.45 -0.15
CA ASP A 329 -40.62 -9.60 0.07
C ASP A 329 -41.12 -9.64 1.52
N LEU A 330 -40.65 -8.68 2.30
CA LEU A 330 -40.92 -8.68 3.71
C LEU A 330 -41.81 -7.50 4.08
N GLY A 331 -42.63 -7.07 3.13
CA GLY A 331 -43.59 -5.99 3.35
C GLY A 331 -44.50 -6.20 4.56
N LEU A 332 -44.91 -7.45 4.78
CA LEU A 332 -45.87 -7.75 5.83
C LEU A 332 -45.21 -8.06 7.16
N ALA A 333 -43.92 -8.39 7.14
CA ALA A 333 -43.18 -8.76 8.35
C ALA A 333 -43.33 -7.74 9.48
N VAL A 334 -43.11 -8.18 10.72
CA VAL A 334 -43.11 -7.26 11.87
C VAL A 334 -42.40 -7.81 13.11
N HIS A 335 -41.95 -6.89 13.95
CA HIS A 335 -41.10 -7.22 15.09
C HIS A 335 -41.94 -7.55 16.30
N VAL A 336 -41.61 -8.65 16.97
CA VAL A 336 -42.33 -9.08 18.18
C VAL A 336 -41.52 -8.87 19.44
N PRO A 337 -41.87 -7.84 20.23
CA PRO A 337 -41.15 -7.54 21.46
C PRO A 337 -41.17 -8.72 22.40
N GLU A 338 -40.02 -9.00 23.00
CA GLU A 338 -39.88 -10.07 23.95
C GLU A 338 -40.93 -9.92 25.03
N GLY A 339 -41.57 -11.03 25.39
CA GLY A 339 -42.58 -11.05 26.45
C GLY A 339 -43.93 -10.47 26.05
N GLN A 340 -44.19 -10.40 24.75
CA GLN A 340 -45.43 -9.82 24.26
C GLN A 340 -46.07 -10.61 23.13
N THR A 341 -47.22 -10.12 22.67
CA THR A 341 -48.03 -10.75 21.64
C THR A 341 -48.60 -9.67 20.76
N ILE A 342 -49.00 -10.01 19.55
CA ILE A 342 -49.56 -9.01 18.62
C ILE A 342 -50.72 -9.53 17.80
N LYS A 343 -51.70 -8.67 17.61
CA LYS A 343 -52.85 -8.95 16.77
C LYS A 343 -52.67 -8.23 15.45
N GLY A 344 -53.05 -8.89 14.36
CA GLY A 344 -52.93 -8.32 13.03
C GLY A 344 -53.46 -9.28 11.98
N ARG A 345 -54.55 -8.90 11.34
CA ARG A 345 -55.20 -9.74 10.35
C ARG A 345 -54.61 -9.42 8.98
N VAL A 346 -53.48 -10.05 8.64
CA VAL A 346 -52.77 -9.75 7.39
C VAL A 346 -52.07 -10.96 6.76
N GLY A 347 -52.05 -11.00 5.43
CA GLY A 347 -51.35 -12.06 4.73
C GLY A 347 -51.88 -12.36 3.35
N THR A 348 -51.66 -13.60 2.91
CA THR A 348 -52.20 -14.07 1.66
C THR A 348 -53.10 -15.28 1.90
N VAL A 349 -54.33 -15.15 1.40
CA VAL A 349 -55.41 -16.14 1.58
C VAL A 349 -54.96 -17.57 1.28
N GLY A 350 -55.25 -18.47 2.21
CA GLY A 350 -54.84 -19.86 2.10
C GLY A 350 -53.59 -20.14 2.92
N TYR A 351 -52.75 -19.13 3.07
CA TYR A 351 -51.51 -19.28 3.81
C TYR A 351 -51.58 -18.66 5.20
N MET A 352 -52.63 -17.88 5.43
CA MET A 352 -52.91 -17.32 6.75
C MET A 352 -53.43 -18.42 7.67
N ALA A 353 -52.84 -18.51 8.86
CA ALA A 353 -53.21 -19.51 9.84
C ALA A 353 -54.54 -19.17 10.49
N PRO A 354 -55.24 -20.19 11.03
CA PRO A 354 -56.51 -20.04 11.72
C PRO A 354 -56.57 -18.79 12.60
N GLU A 355 -55.73 -18.75 13.62
CA GLU A 355 -55.75 -17.67 14.63
C GLU A 355 -55.57 -16.30 14.02
N VAL A 356 -54.97 -16.26 12.84
CA VAL A 356 -54.83 -15.02 12.10
C VAL A 356 -56.22 -14.64 11.60
N VAL A 357 -56.83 -15.53 10.82
CA VAL A 357 -58.13 -15.27 10.22
C VAL A 357 -59.13 -14.90 11.30
N LYS A 358 -59.09 -15.66 12.40
CA LYS A 358 -59.95 -15.41 13.54
C LYS A 358 -59.69 -14.05 14.21
N ASN A 359 -58.61 -13.37 13.80
CA ASN A 359 -58.22 -12.10 14.39
C ASN A 359 -57.85 -12.27 15.86
N GLU A 360 -56.99 -13.26 16.12
CA GLU A 360 -56.52 -13.56 17.48
C GLU A 360 -55.07 -13.11 17.67
N ARG A 361 -54.67 -12.88 18.92
CA ARG A 361 -53.28 -12.51 19.22
C ARG A 361 -52.33 -13.68 18.96
N TYR A 362 -51.10 -13.37 18.55
CA TYR A 362 -50.11 -14.42 18.26
C TYR A 362 -48.67 -13.93 18.34
N THR A 363 -47.73 -14.85 18.19
CA THR A 363 -46.32 -14.50 17.98
C THR A 363 -45.84 -15.10 16.68
N PHE A 364 -45.25 -16.29 16.72
CA PHE A 364 -44.59 -16.84 15.53
C PHE A 364 -45.39 -17.93 14.81
N SER A 365 -46.46 -18.37 15.45
CA SER A 365 -47.30 -19.44 14.92
C SER A 365 -47.46 -19.40 13.41
N PRO A 366 -47.97 -18.26 12.88
CA PRO A 366 -48.41 -18.24 11.48
C PRO A 366 -47.36 -18.74 10.51
N ASP A 367 -46.11 -18.41 10.80
CA ASP A 367 -45.00 -18.78 9.93
C ASP A 367 -44.90 -20.29 9.81
N TRP A 368 -44.82 -20.98 10.95
CA TRP A 368 -44.72 -22.44 10.95
C TRP A 368 -45.90 -23.08 10.26
N TRP A 369 -47.07 -22.47 10.42
CA TRP A 369 -48.24 -22.87 9.66
C TRP A 369 -47.90 -22.81 8.18
N ALA A 370 -47.53 -21.64 7.69
CA ALA A 370 -47.27 -21.44 6.27
C ALA A 370 -46.21 -22.39 5.73
N LEU A 371 -45.24 -22.75 6.56
CA LEU A 371 -44.24 -23.71 6.15
C LEU A 371 -44.93 -25.02 5.80
N GLY A 372 -45.82 -25.46 6.67
CA GLY A 372 -46.70 -26.59 6.36
C GLY A 372 -47.34 -26.38 5.00
N CYS A 373 -48.20 -25.37 4.91
CA CYS A 373 -48.89 -25.03 3.67
C CYS A 373 -47.98 -25.16 2.47
N LEU A 374 -46.77 -24.61 2.58
CA LEU A 374 -45.85 -24.60 1.45
C LEU A 374 -45.25 -25.97 1.20
N LEU A 375 -44.86 -26.65 2.27
CA LEU A 375 -44.33 -28.01 2.15
C LEU A 375 -45.36 -28.89 1.49
N TYR A 376 -46.61 -28.74 1.91
CA TYR A 376 -47.72 -29.38 1.25
C TYR A 376 -47.68 -29.01 -0.23
N GLU A 377 -47.82 -27.72 -0.51
CA GLU A 377 -47.93 -27.24 -1.88
C GLU A 377 -46.76 -27.64 -2.78
N MET A 378 -45.68 -28.12 -2.18
CA MET A 378 -44.53 -28.58 -2.95
C MET A 378 -44.69 -30.03 -3.38
N ILE A 379 -45.00 -30.90 -2.43
CA ILE A 379 -45.13 -32.33 -2.73
C ILE A 379 -46.42 -32.59 -3.51
N ALA A 380 -47.52 -32.02 -3.01
CA ALA A 380 -48.84 -32.25 -3.58
C ALA A 380 -48.96 -31.70 -4.99
N GLY A 381 -48.38 -30.52 -5.22
CA GLY A 381 -48.48 -29.87 -6.52
C GLY A 381 -49.67 -28.94 -6.59
N GLN A 382 -50.37 -28.79 -5.47
CA GLN A 382 -51.47 -27.84 -5.38
C GLN A 382 -51.64 -27.33 -3.96
N SER A 383 -52.09 -26.08 -3.86
CA SER A 383 -52.47 -25.48 -2.59
C SER A 383 -53.48 -26.37 -1.88
N PRO A 384 -53.26 -26.64 -0.57
CA PRO A 384 -54.14 -27.53 0.18
C PRO A 384 -55.52 -26.94 0.44
N PHE A 385 -55.72 -25.70 0.00
CA PHE A 385 -56.98 -25.00 0.25
C PHE A 385 -57.50 -24.23 -0.97
N GLN A 386 -56.61 -23.79 -1.83
CA GLN A 386 -57.02 -23.10 -3.07
C GLN A 386 -56.98 -24.08 -4.24
N LYS A 390 -58.49 -24.47 -10.91
CA LYS A 390 -59.88 -24.13 -10.61
C LYS A 390 -59.96 -23.01 -9.60
N LYS A 391 -60.63 -21.92 -9.98
CA LYS A 391 -60.72 -20.71 -9.19
C LYS A 391 -61.82 -20.80 -8.14
N ILE A 392 -61.45 -20.56 -6.89
CA ILE A 392 -62.36 -20.68 -5.74
C ILE A 392 -62.57 -19.32 -5.08
N LYS A 393 -63.79 -19.05 -4.63
CA LYS A 393 -64.13 -17.76 -4.03
C LYS A 393 -63.54 -17.53 -2.64
N ARG A 394 -63.61 -16.28 -2.19
CA ARG A 394 -62.91 -15.78 -1.01
C ARG A 394 -63.22 -16.51 0.30
N GLU A 395 -64.43 -16.31 0.81
CA GLU A 395 -64.81 -16.70 2.16
C GLU A 395 -64.77 -18.21 2.42
N GLU A 396 -65.03 -19.00 1.39
CA GLU A 396 -65.09 -20.46 1.50
C GLU A 396 -63.75 -21.04 1.95
N VAL A 397 -62.66 -20.54 1.37
CA VAL A 397 -61.32 -21.01 1.69
C VAL A 397 -61.03 -20.78 3.16
N GLU A 398 -61.38 -19.59 3.65
CA GLU A 398 -61.21 -19.23 5.05
C GLU A 398 -61.90 -20.24 5.97
N ARG A 399 -63.14 -20.61 5.61
CA ARG A 399 -63.89 -21.62 6.35
C ARG A 399 -63.18 -22.96 6.22
N LEU A 400 -62.79 -23.30 5.00
CA LEU A 400 -62.10 -24.55 4.70
C LEU A 400 -60.88 -24.75 5.61
N VAL A 401 -60.27 -23.63 5.99
CA VAL A 401 -59.13 -23.65 6.89
C VAL A 401 -59.56 -23.87 8.34
N LYS A 402 -60.47 -23.02 8.81
CA LYS A 402 -60.89 -23.02 10.21
C LYS A 402 -61.22 -24.39 10.79
N GLU A 403 -61.75 -25.29 9.96
CA GLU A 403 -62.34 -26.53 10.45
C GLU A 403 -61.88 -27.80 9.73
N VAL A 404 -61.89 -27.76 8.40
CA VAL A 404 -61.61 -28.95 7.60
C VAL A 404 -60.14 -29.32 7.61
N PRO A 405 -59.82 -30.55 8.06
CA PRO A 405 -58.43 -31.03 8.06
C PRO A 405 -57.94 -31.34 6.65
N GLU A 406 -56.63 -31.43 6.50
CA GLU A 406 -55.97 -31.62 5.21
C GLU A 406 -56.24 -33.00 4.59
N GLU A 407 -56.26 -33.03 3.25
CA GLU A 407 -56.50 -34.26 2.49
C GLU A 407 -55.25 -34.64 1.72
N TYR A 408 -54.82 -35.89 1.85
CA TYR A 408 -53.57 -36.35 1.24
C TYR A 408 -53.78 -37.17 -0.02
N SER A 409 -53.05 -36.83 -1.08
CA SER A 409 -52.98 -37.67 -2.27
C SER A 409 -51.84 -38.66 -2.06
N GLU A 410 -51.71 -39.64 -2.94
CA GLU A 410 -50.69 -40.66 -2.78
C GLU A 410 -49.36 -40.26 -3.42
N ARG A 411 -48.67 -39.36 -2.74
CA ARG A 411 -47.32 -38.95 -3.09
C ARG A 411 -46.51 -38.86 -1.82
N PHE A 412 -47.22 -38.62 -0.72
CA PHE A 412 -46.60 -38.42 0.59
C PHE A 412 -46.19 -39.73 1.20
N SER A 413 -44.95 -39.78 1.69
CA SER A 413 -44.43 -40.94 2.40
C SER A 413 -45.04 -40.98 3.81
N PRO A 414 -44.76 -42.04 4.57
CA PRO A 414 -45.20 -42.09 5.97
C PRO A 414 -44.84 -40.82 6.73
N GLN A 415 -43.55 -40.47 6.75
CA GLN A 415 -43.06 -39.34 7.52
C GLN A 415 -43.47 -38.00 6.93
N ALA A 416 -43.53 -37.92 5.61
CA ALA A 416 -43.92 -36.71 4.89
C ALA A 416 -45.28 -36.20 5.36
N ARG A 417 -46.17 -37.13 5.70
CA ARG A 417 -47.47 -36.80 6.22
C ARG A 417 -47.35 -36.23 7.62
N SER A 418 -46.67 -36.97 8.50
CA SER A 418 -46.60 -36.64 9.93
C SER A 418 -46.16 -35.22 10.20
N LEU A 419 -45.17 -34.75 9.44
CA LEU A 419 -44.68 -33.39 9.58
C LEU A 419 -45.73 -32.39 9.14
N CYS A 420 -46.07 -32.41 7.85
CA CYS A 420 -47.10 -31.53 7.29
C CYS A 420 -48.30 -31.43 8.22
N SER A 421 -48.76 -32.59 8.69
CA SER A 421 -49.89 -32.67 9.60
C SER A 421 -49.63 -31.89 10.88
N GLN A 422 -48.50 -32.16 11.52
CA GLN A 422 -48.12 -31.48 12.76
C GLN A 422 -47.98 -29.98 12.56
N LEU A 423 -47.54 -29.58 11.38
CA LEU A 423 -47.40 -28.17 11.06
C LEU A 423 -48.73 -27.54 10.71
N LEU A 424 -49.64 -28.36 10.20
CA LEU A 424 -50.97 -27.88 9.85
C LEU A 424 -51.99 -28.18 10.93
N CYS A 425 -51.50 -28.37 12.16
CA CYS A 425 -52.36 -28.48 13.32
C CYS A 425 -53.04 -27.14 13.54
N LYS A 426 -54.36 -27.15 13.58
CA LYS A 426 -55.14 -25.92 13.67
C LYS A 426 -55.04 -25.28 15.04
N ASP A 427 -54.64 -26.07 16.03
CA ASP A 427 -54.45 -25.56 17.38
C ASP A 427 -53.06 -24.95 17.50
N PRO A 428 -52.99 -23.61 17.55
CA PRO A 428 -51.71 -22.92 17.59
C PRO A 428 -50.81 -23.44 18.69
N ALA A 429 -51.27 -23.35 19.93
CA ALA A 429 -50.45 -23.72 21.10
C ALA A 429 -50.00 -25.17 21.10
N GLU A 430 -50.41 -25.93 20.09
CA GLU A 430 -50.03 -27.32 19.97
C GLU A 430 -49.42 -27.62 18.60
N ARG A 431 -49.29 -26.58 17.79
CA ARG A 431 -48.68 -26.68 16.46
C ARG A 431 -47.18 -26.83 16.61
N LEU A 432 -46.59 -27.64 15.74
CA LEU A 432 -45.16 -27.90 15.81
C LEU A 432 -44.36 -26.62 15.67
N GLY A 433 -43.35 -26.46 16.53
CA GLY A 433 -42.55 -25.25 16.54
C GLY A 433 -43.00 -24.31 17.62
N CYS A 434 -44.31 -24.16 17.75
CA CYS A 434 -44.90 -23.23 18.69
C CYS A 434 -45.08 -23.82 20.08
N ARG A 435 -44.75 -25.10 20.21
CA ARG A 435 -44.96 -25.86 21.45
C ARG A 435 -44.01 -25.49 22.56
N GLY A 436 -42.88 -24.87 22.20
CA GLY A 436 -41.89 -24.45 23.17
C GLY A 436 -40.53 -24.99 22.85
N GLY A 437 -40.31 -25.32 21.58
CA GLY A 437 -39.00 -25.80 21.13
C GLY A 437 -38.46 -24.95 20.00
N SER A 438 -39.27 -23.97 19.56
CA SER A 438 -38.93 -23.15 18.40
C SER A 438 -38.57 -24.06 17.24
N ALA A 439 -37.56 -23.66 16.47
CA ALA A 439 -37.10 -24.44 15.34
C ALA A 439 -36.53 -25.78 15.77
N ARG A 440 -35.87 -25.80 16.92
CA ARG A 440 -35.20 -27.00 17.42
C ARG A 440 -36.04 -28.25 17.20
N GLU A 441 -37.33 -28.19 17.53
CA GLU A 441 -38.19 -29.36 17.43
C GLU A 441 -38.56 -29.71 15.99
N VAL A 442 -38.80 -28.69 15.18
CA VAL A 442 -39.10 -28.88 13.77
C VAL A 442 -37.91 -29.53 13.06
N LYS A 443 -36.71 -29.07 13.37
CA LYS A 443 -35.49 -29.69 12.86
C LYS A 443 -35.46 -31.16 13.24
N GLU A 444 -35.83 -31.44 14.49
CA GLU A 444 -35.71 -32.79 15.05
C GLU A 444 -36.74 -33.78 14.54
N HIS A 445 -37.65 -33.33 13.68
CA HIS A 445 -38.57 -34.23 13.03
C HIS A 445 -37.81 -35.24 12.19
N PRO A 446 -38.19 -36.53 12.29
CA PRO A 446 -37.41 -37.58 11.64
C PRO A 446 -37.36 -37.50 10.12
N LEU A 447 -38.18 -36.65 9.51
CA LEU A 447 -38.13 -36.48 8.05
C LEU A 447 -36.76 -36.00 7.57
N PHE A 448 -36.10 -35.19 8.38
CA PHE A 448 -34.78 -34.66 8.04
C PHE A 448 -33.67 -35.62 8.50
N LYS A 449 -33.81 -36.88 8.10
CA LYS A 449 -32.87 -37.94 8.46
C LYS A 449 -31.46 -37.59 8.00
N LYS A 450 -31.23 -37.68 6.68
CA LYS A 450 -29.90 -37.64 6.12
C LYS A 450 -29.42 -36.22 5.80
N LEU A 451 -29.90 -35.25 6.58
CA LEU A 451 -29.49 -33.87 6.43
C LEU A 451 -28.84 -33.41 7.71
N ASN A 452 -27.60 -32.94 7.59
CA ASN A 452 -26.89 -32.39 8.72
C ASN A 452 -27.20 -30.90 8.80
N PHE A 453 -28.00 -30.52 9.79
CA PHE A 453 -28.47 -29.14 9.89
C PHE A 453 -27.37 -28.12 10.11
N LYS A 454 -26.40 -28.45 10.96
CA LYS A 454 -25.27 -27.56 11.22
C LYS A 454 -24.64 -27.16 9.89
N ARG A 455 -24.41 -28.15 9.04
CA ARG A 455 -23.80 -27.95 7.73
C ARG A 455 -24.67 -27.13 6.78
N LEU A 456 -25.96 -27.45 6.73
CA LEU A 456 -26.88 -26.73 5.85
C LEU A 456 -26.87 -25.24 6.11
N GLY A 457 -26.73 -24.86 7.37
CA GLY A 457 -26.69 -23.47 7.79
C GLY A 457 -25.46 -22.76 7.25
N ALA A 458 -24.41 -23.54 7.04
CA ALA A 458 -23.19 -23.04 6.44
C ALA A 458 -23.30 -23.09 4.92
N GLY A 459 -24.36 -23.70 4.42
CA GLY A 459 -24.56 -23.86 2.98
C GLY A 459 -23.60 -24.86 2.40
N MET A 460 -23.13 -25.78 3.24
CA MET A 460 -22.12 -26.76 2.86
C MET A 460 -22.73 -28.03 2.30
N LEU A 461 -24.05 -28.03 2.14
CA LEU A 461 -24.73 -29.15 1.52
C LEU A 461 -25.14 -28.80 0.12
N GLU A 462 -24.86 -29.70 -0.80
CA GLU A 462 -25.21 -29.50 -2.19
C GLU A 462 -26.70 -29.73 -2.39
N PRO A 463 -27.40 -28.72 -2.94
CA PRO A 463 -28.81 -28.84 -3.26
C PRO A 463 -29.01 -29.88 -4.36
N PRO A 464 -30.10 -30.66 -4.28
CA PRO A 464 -30.33 -31.76 -5.22
C PRO A 464 -30.71 -31.30 -6.63
N PHE A 465 -30.70 -30.00 -6.87
CA PHE A 465 -30.98 -29.46 -8.18
C PHE A 465 -30.24 -28.14 -8.43
N LYS A 466 -29.27 -28.17 -9.33
CA LYS A 466 -28.56 -26.96 -9.74
C LYS A 466 -29.23 -26.38 -10.99
N PRO A 467 -29.68 -25.12 -10.93
CA PRO A 467 -30.31 -24.47 -12.06
C PRO A 467 -29.36 -24.33 -13.23
N ASP A 468 -29.91 -24.28 -14.44
CA ASP A 468 -29.11 -24.03 -15.63
C ASP A 468 -28.83 -22.54 -15.71
N PRO A 469 -27.55 -22.16 -15.67
CA PRO A 469 -27.15 -20.76 -15.71
C PRO A 469 -27.68 -20.04 -16.94
N GLN A 470 -27.75 -20.74 -18.07
CA GLN A 470 -28.15 -20.15 -19.33
C GLN A 470 -29.67 -19.95 -19.44
N ALA A 471 -30.39 -20.21 -18.36
CA ALA A 471 -31.85 -20.13 -18.36
C ALA A 471 -32.38 -18.94 -17.56
N ILE A 472 -33.47 -18.36 -18.05
CA ILE A 472 -34.15 -17.27 -17.35
C ILE A 472 -35.48 -17.77 -16.82
N TYR A 473 -35.58 -17.86 -15.51
CA TYR A 473 -36.72 -18.51 -14.86
C TYR A 473 -37.83 -17.54 -14.48
N CYS A 474 -38.38 -16.85 -15.47
CA CYS A 474 -39.60 -16.06 -15.30
C CYS A 474 -40.24 -15.70 -16.65
N LYS A 475 -41.47 -15.20 -16.59
CA LYS A 475 -42.27 -14.85 -17.77
C LYS A 475 -41.59 -13.81 -18.64
N ASP A 476 -42.00 -13.71 -19.89
CA ASP A 476 -41.56 -12.63 -20.77
C ASP A 476 -42.26 -11.32 -20.41
N VAL A 477 -41.73 -10.24 -20.94
CA VAL A 477 -42.15 -8.88 -20.55
C VAL A 477 -43.65 -8.65 -20.75
N LEU A 478 -44.11 -8.75 -22.00
CA LEU A 478 -45.50 -8.48 -22.32
C LEU A 478 -46.44 -9.57 -21.77
N ASP A 479 -45.85 -10.53 -21.07
CA ASP A 479 -46.61 -11.56 -20.37
C ASP A 479 -46.73 -11.23 -18.89
N ILE A 480 -46.57 -9.94 -18.57
CA ILE A 480 -46.71 -9.47 -17.19
C ILE A 480 -47.58 -8.21 -17.18
N GLU A 481 -48.49 -8.14 -16.22
CA GLU A 481 -49.51 -7.10 -16.13
C GLU A 481 -48.97 -5.73 -15.72
N GLN A 482 -49.85 -4.73 -15.76
CA GLN A 482 -49.57 -3.40 -15.23
C GLN A 482 -50.91 -2.71 -14.91
N PHE A 483 -51.11 -2.37 -13.64
CA PHE A 483 -52.34 -1.71 -13.21
C PHE A 483 -52.41 -0.27 -13.72
N SER A 484 -53.63 0.25 -13.85
CA SER A 484 -53.86 1.60 -14.35
C SER A 484 -53.13 2.63 -13.52
N THR A 485 -52.21 3.35 -14.17
CA THR A 485 -51.45 4.40 -13.51
C THR A 485 -52.34 5.61 -13.26
N VAL A 486 -53.15 5.52 -12.20
CA VAL A 486 -54.16 6.51 -11.89
C VAL A 486 -53.52 7.87 -11.58
N LYS A 487 -53.97 8.89 -12.30
CA LYS A 487 -53.53 10.26 -12.09
C LYS A 487 -54.39 10.91 -10.99
N GLY A 488 -54.53 12.24 -11.05
CA GLY A 488 -55.30 12.98 -10.05
C GLY A 488 -54.70 12.88 -8.66
N VAL A 489 -53.38 12.86 -8.59
CA VAL A 489 -52.65 12.76 -7.34
C VAL A 489 -51.31 13.49 -7.43
N GLU A 490 -51.09 14.42 -6.51
CA GLU A 490 -49.87 15.20 -6.50
C GLU A 490 -49.13 15.09 -5.17
N LEU A 491 -47.82 14.89 -5.28
CA LEU A 491 -46.97 14.72 -4.11
C LEU A 491 -46.74 16.05 -3.41
N GLU A 492 -46.86 16.03 -2.09
CA GLU A 492 -46.78 17.25 -1.29
C GLU A 492 -45.64 17.18 -0.28
N PRO A 493 -45.08 18.34 0.11
CA PRO A 493 -44.00 18.48 1.07
C PRO A 493 -43.91 17.39 2.13
N THR A 494 -45.04 17.05 2.75
CA THR A 494 -45.09 16.02 3.81
C THR A 494 -44.46 14.70 3.37
N ASP A 495 -44.59 14.37 2.10
CA ASP A 495 -44.04 13.13 1.55
C ASP A 495 -42.51 13.15 1.48
N GLN A 496 -41.95 14.31 1.15
CA GLN A 496 -40.50 14.45 1.03
C GLN A 496 -39.78 14.08 2.33
N ASP A 497 -40.34 14.53 3.46
CA ASP A 497 -39.81 14.18 4.79
C ASP A 497 -39.65 12.67 4.95
N PHE A 498 -40.63 11.94 4.43
CA PHE A 498 -40.61 10.49 4.46
C PHE A 498 -39.54 9.95 3.52
N TYR A 499 -39.46 10.51 2.32
CA TYR A 499 -38.47 10.07 1.36
C TYR A 499 -37.06 10.21 1.92
N GLN A 500 -36.85 11.25 2.71
CA GLN A 500 -35.61 11.43 3.44
C GLN A 500 -35.39 10.23 4.36
N LYS A 501 -36.39 9.93 5.18
CA LYS A 501 -36.35 8.79 6.10
C LYS A 501 -36.02 7.48 5.41
N PHE A 502 -36.38 7.37 4.14
CA PHE A 502 -36.30 6.09 3.44
C PHE A 502 -34.98 5.82 2.76
N ALA A 503 -34.53 6.77 1.94
CA ALA A 503 -33.34 6.58 1.12
C ALA A 503 -32.06 6.80 1.91
N THR A 504 -31.65 5.75 2.62
CA THR A 504 -30.43 5.75 3.42
C THR A 504 -29.17 5.75 2.56
N GLY A 505 -29.31 5.30 1.32
CA GLY A 505 -28.17 5.02 0.49
C GLY A 505 -27.63 3.65 0.83
N SER A 506 -26.35 3.46 0.53
CA SER A 506 -25.73 2.15 0.62
C SER A 506 -25.73 1.57 2.02
N VAL A 507 -26.03 0.27 2.10
CA VAL A 507 -26.03 -0.48 3.34
C VAL A 507 -24.62 -0.99 3.60
N PRO A 508 -24.01 -0.57 4.72
CA PRO A 508 -22.60 -0.82 5.08
C PRO A 508 -22.07 -2.23 4.78
N ILE A 509 -22.53 -3.25 5.48
CA ILE A 509 -21.95 -4.58 5.29
C ILE A 509 -22.04 -5.00 3.83
N PRO A 510 -23.27 -5.12 3.29
CA PRO A 510 -23.38 -5.68 1.95
C PRO A 510 -22.58 -4.87 0.92
N TRP A 511 -22.59 -3.54 1.05
CA TRP A 511 -21.79 -2.69 0.19
C TRP A 511 -20.38 -3.19 0.20
N GLN A 512 -19.82 -3.30 1.39
CA GLN A 512 -18.42 -3.67 1.55
C GLN A 512 -18.12 -5.02 0.91
N ASN A 513 -18.95 -6.02 1.17
CA ASN A 513 -18.74 -7.34 0.56
C ASN A 513 -18.69 -7.25 -0.96
N GLU A 514 -19.63 -6.50 -1.54
CA GLU A 514 -19.62 -6.22 -2.97
C GLU A 514 -18.23 -5.76 -3.39
N MET A 515 -17.74 -4.74 -2.71
CA MET A 515 -16.42 -4.22 -2.97
C MET A 515 -15.34 -5.29 -2.99
N VAL A 516 -15.45 -6.25 -2.08
CA VAL A 516 -14.42 -7.27 -1.96
C VAL A 516 -14.49 -8.31 -3.07
N GLU A 517 -15.69 -8.81 -3.30
CA GLU A 517 -15.93 -9.82 -4.32
C GLU A 517 -15.48 -9.30 -5.68
N THR A 518 -15.99 -8.13 -6.06
CA THR A 518 -15.71 -7.53 -7.36
C THR A 518 -14.25 -7.15 -7.50
N GLU A 519 -13.47 -7.45 -6.47
CA GLU A 519 -12.02 -7.26 -6.46
C GLU A 519 -11.57 -5.81 -6.46
N CYS A 520 -12.52 -4.89 -6.51
CA CYS A 520 -12.20 -3.47 -6.45
C CYS A 520 -11.38 -3.16 -5.23
N PHE A 521 -11.79 -3.67 -4.07
CA PHE A 521 -11.02 -3.47 -2.87
C PHE A 521 -9.55 -3.75 -3.09
N GLN A 522 -9.22 -5.01 -3.36
CA GLN A 522 -7.82 -5.42 -3.50
C GLN A 522 -7.12 -4.64 -4.60
N GLU A 523 -7.81 -4.48 -5.73
CA GLU A 523 -7.29 -3.70 -6.84
C GLU A 523 -6.97 -2.24 -6.45
N LEU A 524 -7.84 -1.62 -5.66
CA LEU A 524 -7.73 -0.19 -5.35
C LEU A 524 -7.07 0.17 -4.01
N ASN A 525 -7.24 -0.68 -3.02
CA ASN A 525 -6.81 -0.35 -1.67
C ASN A 525 -5.31 -0.33 -1.57
N VAL A 526 -4.68 -1.32 -2.20
CA VAL A 526 -3.24 -1.54 -2.08
C VAL A 526 -2.43 -0.38 -2.62
N PHE A 527 -1.51 0.11 -1.80
CA PHE A 527 -0.74 1.30 -2.13
C PHE A 527 0.75 1.12 -1.91
N GLY A 528 1.54 1.57 -2.89
CA GLY A 528 2.98 1.42 -2.83
C GLY A 528 3.60 0.48 -3.87
N LEU A 529 2.76 -0.04 -4.77
CA LEU A 529 3.24 -0.93 -5.84
C LEU A 529 3.40 -0.25 -7.18
N ASP A 530 2.45 0.60 -7.56
CA ASP A 530 2.46 1.26 -8.85
C ASP A 530 3.37 2.46 -8.82
N GLY A 531 4.13 2.66 -9.91
CA GLY A 531 4.96 3.85 -10.08
C GLY A 531 6.15 3.93 -9.15
N SER A 532 6.31 2.92 -8.31
CA SER A 532 7.38 2.89 -7.31
C SER A 532 8.76 2.48 -7.85
N VAL A 533 8.85 2.24 -9.15
CA VAL A 533 10.10 1.80 -9.75
C VAL A 533 11.09 2.97 -9.71
N PRO A 534 12.09 2.88 -8.83
CA PRO A 534 12.93 4.04 -8.53
C PRO A 534 13.58 4.64 -9.79
N PRO A 535 13.26 5.91 -10.09
CA PRO A 535 13.55 6.59 -11.36
C PRO A 535 15.00 6.45 -11.83
N ASP A 536 15.17 6.38 -13.15
CA ASP A 536 16.48 6.25 -13.79
C ASP A 536 17.38 7.44 -13.49
N LEU A 537 16.84 8.64 -13.66
CA LEU A 537 17.55 9.87 -13.32
C LEU A 537 16.85 10.59 -12.19
N ASP A 538 17.57 11.49 -11.53
CA ASP A 538 16.97 12.33 -10.48
C ASP A 538 16.25 13.52 -11.11
N TRP A 539 15.84 14.48 -10.27
CA TRP A 539 14.99 15.59 -10.72
C TRP A 539 15.71 16.51 -11.69
N LYS A 540 17.02 16.63 -11.51
CA LYS A 540 17.81 17.46 -12.40
C LYS A 540 18.48 16.60 -13.47
N GLY A 541 17.77 15.59 -13.94
CA GLY A 541 18.23 14.72 -15.02
C GLY A 541 19.54 13.98 -14.82
N GLN A 542 20.00 13.84 -13.59
CA GLN A 542 21.27 13.17 -13.30
C GLN A 542 21.10 11.74 -12.78
N PRO A 543 22.03 10.84 -13.17
CA PRO A 543 22.04 9.47 -12.64
C PRO A 543 22.40 9.44 -11.16
N PRO A 544 21.87 8.46 -10.42
CA PRO A 544 22.20 8.32 -9.01
C PRO A 544 23.57 7.70 -8.81
N ALA A 545 23.98 7.56 -7.55
CA ALA A 545 25.28 7.01 -7.22
C ALA A 545 25.14 5.58 -6.68
N PRO A 546 25.49 4.57 -7.49
CA PRO A 546 25.96 4.63 -8.88
C PRO A 546 24.78 4.55 -9.85
N PRO A 547 24.99 4.93 -11.12
CA PRO A 547 23.94 4.98 -12.15
C PRO A 547 23.35 3.63 -12.47
N LYS A 548 22.03 3.61 -12.71
CA LYS A 548 21.28 2.40 -13.06
C LYS A 548 21.98 1.65 -14.17
N LYS A 549 22.36 0.41 -13.88
CA LYS A 549 23.17 -0.38 -14.81
C LYS A 549 22.42 -0.68 -16.11
N GLY A 550 21.10 -0.83 -16.01
CA GLY A 550 20.26 -1.07 -17.18
C GLY A 550 20.09 0.16 -18.06
N LEU A 551 20.26 1.34 -17.47
CA LEU A 551 20.08 2.59 -18.20
C LEU A 551 21.18 2.84 -19.22
N LEU A 552 22.42 2.59 -18.81
CA LEU A 552 23.58 2.73 -19.69
C LEU A 552 23.38 1.91 -20.95
N GLN A 553 23.01 0.64 -20.75
CA GLN A 553 22.78 -0.30 -21.85
C GLN A 553 21.73 0.19 -22.85
N ARG A 554 20.90 1.12 -22.42
CA ARG A 554 19.84 1.65 -23.28
C ARG A 554 20.30 2.89 -24.05
N LEU A 555 21.51 3.37 -23.75
CA LEU A 555 22.02 4.58 -24.41
C LEU A 555 23.21 4.32 -25.35
N PHE A 556 23.65 3.07 -25.44
CA PHE A 556 24.84 2.71 -26.22
C PHE A 556 24.67 1.38 -27.00
N SER A 557 25.72 0.57 -27.03
CA SER A 557 25.70 -0.72 -27.72
C SER A 557 26.38 -1.81 -26.88
N GLU B 2 49.62 -10.97 15.52
CA GLU B 2 49.15 -11.22 14.14
C GLU B 2 47.71 -11.69 14.11
N LEU B 3 47.33 -12.47 15.13
CA LEU B 3 45.96 -12.90 15.34
C LEU B 3 44.97 -11.81 14.95
N GLU B 4 45.09 -10.67 15.64
CA GLU B 4 44.18 -9.54 15.53
C GLU B 4 43.97 -9.06 14.09
N ASN B 5 45.05 -9.07 13.30
CA ASN B 5 45.03 -8.50 11.95
C ASN B 5 44.16 -9.26 10.97
N ILE B 6 44.52 -10.51 10.71
CA ILE B 6 43.85 -11.35 9.71
C ILE B 6 42.35 -11.45 9.99
N VAL B 7 41.99 -11.33 11.27
CA VAL B 7 40.60 -11.29 11.69
C VAL B 7 39.89 -10.12 11.01
N ALA B 8 40.13 -8.92 11.54
CA ALA B 8 39.47 -7.70 11.09
C ALA B 8 39.48 -7.56 9.57
N ASN B 9 40.50 -8.11 8.94
CA ASN B 9 40.62 -8.12 7.49
C ASN B 9 39.55 -8.96 6.83
N THR B 10 39.44 -10.22 7.24
CA THR B 10 38.46 -11.12 6.65
C THR B 10 37.05 -10.72 7.07
N VAL B 11 36.95 -10.09 8.24
CA VAL B 11 35.70 -9.49 8.71
C VAL B 11 35.16 -8.54 7.65
N LEU B 12 35.94 -7.51 7.35
CA LEU B 12 35.54 -6.48 6.41
C LEU B 12 35.31 -7.03 5.01
N LEU B 13 36.16 -7.97 4.60
CA LEU B 13 36.03 -8.62 3.31
C LEU B 13 34.65 -9.26 3.14
N LYS B 14 34.17 -9.86 4.23
CA LYS B 14 32.89 -10.55 4.23
C LYS B 14 31.74 -9.53 4.20
N ALA B 15 31.81 -8.54 5.09
CA ALA B 15 30.80 -7.48 5.17
C ALA B 15 30.65 -6.77 3.83
N ARG B 16 31.76 -6.65 3.12
CA ARG B 16 31.76 -6.06 1.78
C ARG B 16 31.07 -6.98 0.78
N GLU B 17 31.27 -8.28 0.93
CA GLU B 17 30.77 -9.27 -0.01
C GLU B 17 29.26 -9.50 0.12
N GLY B 18 28.86 -10.53 0.86
CA GLY B 18 27.46 -10.83 1.11
C GLY B 18 27.08 -10.30 2.48
N GLY B 19 26.48 -11.16 3.31
CA GLY B 19 26.11 -10.80 4.67
C GLY B 19 25.53 -11.94 5.47
N GLY B 20 24.45 -11.65 6.20
CA GLY B 20 23.73 -12.68 6.95
C GLY B 20 22.89 -13.55 6.05
N GLY B 21 23.44 -13.93 4.90
CA GLY B 21 22.75 -14.78 3.92
C GLY B 21 21.66 -14.04 3.16
N ASN B 22 20.40 -14.36 3.49
CA ASN B 22 19.23 -13.71 2.90
C ASN B 22 19.23 -12.21 3.12
N ARG B 23 19.44 -11.80 4.37
CA ARG B 23 19.51 -10.40 4.74
C ARG B 23 20.90 -9.82 4.43
N LYS B 24 20.92 -8.80 3.57
CA LYS B 24 22.17 -8.19 3.17
C LYS B 24 22.67 -7.26 4.26
N GLY B 25 23.18 -7.88 5.34
CA GLY B 25 23.81 -7.16 6.44
C GLY B 25 22.85 -6.57 7.45
N LYS B 26 21.55 -6.74 7.20
CA LYS B 26 20.53 -6.19 8.08
C LYS B 26 20.47 -6.97 9.37
N SER B 27 20.34 -6.28 10.50
CA SER B 27 20.16 -6.97 11.78
C SER B 27 18.84 -7.70 11.77
N LYS B 28 18.87 -8.98 12.12
CA LYS B 28 17.71 -9.85 11.99
C LYS B 28 16.42 -9.31 12.64
N LYS B 29 16.56 -8.28 13.47
CA LYS B 29 15.39 -7.64 14.08
C LYS B 29 15.19 -6.17 13.65
N TRP B 30 15.44 -5.89 12.36
CA TRP B 30 15.33 -4.53 11.83
C TRP B 30 13.90 -4.02 11.75
N ARG B 31 12.99 -4.87 11.26
CA ARG B 31 11.60 -4.47 11.08
C ARG B 31 11.04 -3.82 12.33
N GLN B 32 11.56 -4.23 13.48
CA GLN B 32 11.28 -3.54 14.74
C GLN B 32 11.92 -2.16 14.71
N MET B 33 13.22 -2.12 14.47
CA MET B 33 13.99 -0.88 14.48
C MET B 33 13.43 0.22 13.56
N LEU B 34 12.60 -0.15 12.60
CA LEU B 34 12.06 0.83 11.64
C LEU B 34 10.53 0.87 11.65
N GLN B 35 9.95 0.71 12.83
CA GLN B 35 8.51 0.71 12.98
C GLN B 35 7.95 2.11 12.72
N PHE B 36 7.13 2.26 11.68
CA PHE B 36 6.41 3.51 11.53
C PHE B 36 5.78 3.87 12.85
N PRO B 37 5.74 5.15 13.18
CA PRO B 37 5.10 5.61 14.40
C PRO B 37 3.60 5.74 14.20
N HIS B 38 2.88 6.11 15.24
CA HIS B 38 1.45 6.35 15.11
C HIS B 38 1.24 7.64 14.33
N ILE B 39 0.13 7.73 13.60
CA ILE B 39 -0.16 8.92 12.77
C ILE B 39 -0.15 10.16 13.65
N SER B 40 -0.75 10.03 14.83
CA SER B 40 -0.79 11.11 15.81
C SER B 40 0.60 11.64 16.20
N GLN B 41 1.61 10.77 16.16
CA GLN B 41 2.96 11.17 16.54
C GLN B 41 3.54 12.16 15.53
N CYS B 42 3.05 12.09 14.30
CA CYS B 42 3.59 12.94 13.25
C CYS B 42 3.05 14.36 13.33
N GLU B 43 1.90 14.51 13.99
CA GLU B 43 1.22 15.81 14.13
C GLU B 43 2.18 17.00 14.16
N GLU B 44 3.19 16.94 15.03
CA GLU B 44 4.18 18.01 15.10
C GLU B 44 4.72 18.34 13.70
N LEU B 45 5.33 17.36 13.05
CA LEU B 45 5.89 17.52 11.71
C LEU B 45 4.91 18.11 10.71
N ARG B 46 3.69 17.58 10.69
CA ARG B 46 2.70 18.05 9.74
C ARG B 46 2.45 19.55 9.87
N LEU B 47 2.81 20.12 11.01
CA LEU B 47 2.69 21.56 11.21
C LEU B 47 3.99 22.32 10.92
N SER B 48 5.14 21.71 11.22
CA SER B 48 6.43 22.34 10.97
C SER B 48 6.77 22.31 9.50
N LEU B 49 6.86 21.11 8.95
CA LEU B 49 7.38 20.91 7.61
C LEU B 49 6.96 21.96 6.63
N GLU B 50 7.95 22.57 5.98
CA GLU B 50 7.74 23.60 5.00
C GLU B 50 7.17 22.96 3.75
N ARG B 51 6.10 23.54 3.23
CA ARG B 51 5.38 22.91 2.13
C ARG B 51 5.87 23.42 0.80
N ASP B 52 7.05 22.93 0.43
CA ASP B 52 7.77 23.46 -0.69
C ASP B 52 7.89 22.43 -1.79
N TYR B 53 7.12 22.65 -2.85
CA TYR B 53 7.09 21.71 -3.97
C TYR B 53 8.47 21.14 -4.25
N HIS B 54 9.42 22.04 -4.44
CA HIS B 54 10.76 21.65 -4.81
C HIS B 54 11.43 20.72 -3.79
N SER B 55 11.29 21.04 -2.50
CA SER B 55 11.92 20.21 -1.49
C SER B 55 11.18 18.88 -1.33
N LEU B 56 9.85 18.92 -1.43
CA LEU B 56 9.06 17.76 -1.11
C LEU B 56 8.88 16.76 -2.25
N CYS B 57 9.01 17.22 -3.49
CA CYS B 57 8.75 16.33 -4.63
C CYS B 57 9.91 16.16 -5.59
N GLU B 58 10.95 16.98 -5.42
CA GLU B 58 12.06 16.93 -6.32
C GLU B 58 13.33 16.53 -5.59
N ARG B 59 13.76 17.33 -4.61
CA ARG B 59 15.04 17.08 -3.98
C ARG B 59 15.05 15.81 -3.17
N GLN B 60 14.10 15.68 -2.24
CA GLN B 60 14.08 14.59 -1.26
C GLN B 60 13.61 13.29 -1.87
N PRO B 61 14.56 12.43 -2.29
CA PRO B 61 14.28 11.19 -3.04
C PRO B 61 12.97 10.50 -2.63
N ILE B 62 12.82 10.22 -1.34
CA ILE B 62 11.59 9.61 -0.88
C ILE B 62 10.42 10.52 -1.22
N GLY B 63 10.56 11.80 -0.87
CA GLY B 63 9.55 12.77 -1.23
C GLY B 63 9.08 12.50 -2.64
N ARG B 64 10.04 12.49 -3.56
CA ARG B 64 9.76 12.28 -4.98
C ARG B 64 9.06 10.95 -5.17
N LEU B 65 9.72 9.87 -4.77
CA LEU B 65 9.17 8.54 -4.93
C LEU B 65 7.68 8.49 -4.57
N LEU B 66 7.36 8.89 -3.34
CA LEU B 66 5.99 8.86 -2.90
C LEU B 66 5.09 9.71 -3.76
N PHE B 67 5.58 10.86 -4.18
CA PHE B 67 4.79 11.73 -5.03
C PHE B 67 4.51 11.05 -6.34
N ARG B 68 5.52 10.43 -6.93
CA ARG B 68 5.32 9.68 -8.16
C ARG B 68 4.26 8.62 -7.90
N GLU B 69 4.56 7.74 -6.95
CA GLU B 69 3.65 6.70 -6.52
C GLU B 69 2.21 7.23 -6.42
N PHE B 70 2.07 8.49 -6.04
CA PHE B 70 0.74 9.09 -5.95
C PHE B 70 0.21 9.40 -7.33
N CYS B 71 1.04 10.08 -8.13
CA CYS B 71 0.62 10.48 -9.46
C CYS B 71 0.14 9.28 -10.25
N ALA B 72 0.74 8.13 -9.97
CA ALA B 72 0.37 6.91 -10.65
C ALA B 72 -1.12 6.54 -10.48
N THR B 73 -1.77 7.06 -9.45
CA THR B 73 -3.18 6.78 -9.24
C THR B 73 -4.06 7.46 -10.27
N ARG B 74 -3.53 8.51 -10.90
CA ARG B 74 -4.33 9.31 -11.83
C ARG B 74 -3.69 9.49 -13.20
N PRO B 75 -4.33 8.92 -14.24
CA PRO B 75 -3.88 8.91 -15.62
C PRO B 75 -3.31 10.26 -16.07
N GLU B 76 -4.02 11.35 -15.80
CA GLU B 76 -3.57 12.66 -16.24
C GLU B 76 -2.16 12.97 -15.73
N LEU B 77 -1.95 12.73 -14.43
CA LEU B 77 -0.65 12.98 -13.81
C LEU B 77 0.34 11.92 -14.25
N SER B 78 -0.09 10.66 -14.17
CA SER B 78 0.74 9.53 -14.60
C SER B 78 1.53 9.85 -15.86
N ARG B 79 0.86 10.31 -16.90
CA ARG B 79 1.56 10.58 -18.15
C ARG B 79 2.51 11.80 -18.06
N CYS B 80 2.08 12.85 -17.35
CA CYS B 80 2.98 13.98 -17.10
C CYS B 80 4.31 13.47 -16.59
N VAL B 81 4.27 12.64 -15.55
CA VAL B 81 5.50 12.06 -15.03
C VAL B 81 6.24 11.39 -16.16
N ALA B 82 5.61 10.39 -16.77
CA ALA B 82 6.23 9.61 -17.83
C ALA B 82 6.94 10.53 -18.82
N PHE B 83 6.22 11.59 -19.18
CA PHE B 83 6.73 12.59 -20.10
C PHE B 83 8.00 13.27 -19.58
N LEU B 84 7.95 13.78 -18.35
CA LEU B 84 9.13 14.38 -17.75
C LEU B 84 10.34 13.44 -17.77
N ASP B 85 10.11 12.17 -17.46
CA ASP B 85 11.16 11.14 -17.45
C ASP B 85 11.78 10.95 -18.83
N GLY B 86 10.93 10.89 -19.86
CA GLY B 86 11.39 10.86 -21.26
C GLY B 86 12.32 12.02 -21.55
N VAL B 87 11.82 13.24 -21.40
CA VAL B 87 12.61 14.45 -21.61
C VAL B 87 13.98 14.33 -20.93
N ALA B 88 13.97 13.96 -19.66
CA ALA B 88 15.20 13.78 -18.92
C ALA B 88 16.13 12.85 -19.69
N GLU B 89 15.63 11.67 -20.05
CA GLU B 89 16.39 10.70 -20.84
C GLU B 89 16.89 11.34 -22.14
N TYR B 90 15.98 12.02 -22.84
CA TYR B 90 16.34 12.73 -24.08
C TYR B 90 17.53 13.66 -23.88
N GLU B 91 17.48 14.51 -22.85
CA GLU B 91 18.55 15.47 -22.56
C GLU B 91 19.91 14.84 -22.25
N VAL B 92 19.97 13.51 -22.28
CA VAL B 92 21.22 12.78 -22.05
C VAL B 92 21.37 11.65 -23.07
N THR B 93 20.88 11.88 -24.28
CA THR B 93 21.00 10.90 -25.34
C THR B 93 21.99 11.39 -26.39
N PRO B 94 22.99 10.55 -26.72
CA PRO B 94 23.94 10.81 -27.80
C PRO B 94 23.27 11.24 -29.09
N ASP B 95 23.98 12.08 -29.86
CA ASP B 95 23.43 12.75 -31.04
C ASP B 95 23.01 11.79 -32.15
N ASP B 96 23.70 10.65 -32.25
CA ASP B 96 23.41 9.64 -33.25
C ASP B 96 22.06 8.93 -33.04
N LYS B 97 21.38 9.28 -31.95
CA LYS B 97 20.10 8.67 -31.58
C LYS B 97 19.08 9.71 -31.14
N ARG B 98 19.58 10.86 -30.70
CA ARG B 98 18.76 11.97 -30.21
C ARG B 98 17.43 12.17 -30.93
N LYS B 99 17.49 12.42 -32.24
CA LYS B 99 16.28 12.72 -33.00
C LYS B 99 15.29 11.55 -33.04
N ALA B 100 15.82 10.34 -33.04
CA ALA B 100 14.98 9.13 -33.02
C ALA B 100 14.23 8.99 -31.70
N CYS B 101 14.94 9.25 -30.61
CA CYS B 101 14.36 9.22 -29.27
C CYS B 101 13.40 10.40 -29.07
N GLY B 102 13.73 11.54 -29.67
CA GLY B 102 12.87 12.72 -29.63
C GLY B 102 11.53 12.49 -30.29
N ARG B 103 11.56 11.83 -31.45
CA ARG B 103 10.35 11.50 -32.21
C ARG B 103 9.46 10.53 -31.45
N GLN B 104 10.08 9.54 -30.80
CA GLN B 104 9.37 8.56 -29.97
C GLN B 104 8.47 9.25 -28.94
N LEU B 105 8.93 10.38 -28.41
CA LEU B 105 8.16 11.13 -27.43
C LEU B 105 7.07 11.94 -28.10
N THR B 106 7.44 12.62 -29.18
CA THR B 106 6.52 13.49 -29.92
C THR B 106 5.21 12.79 -30.21
N GLN B 107 5.30 11.57 -30.74
CA GLN B 107 4.12 10.82 -31.17
C GLN B 107 3.38 10.20 -29.98
N ASN B 108 4.06 10.11 -28.84
CA ASN B 108 3.46 9.53 -27.65
C ASN B 108 2.69 10.54 -26.83
N PHE B 109 3.32 11.68 -26.55
CA PHE B 109 2.76 12.64 -25.62
C PHE B 109 2.14 13.86 -26.29
N LEU B 110 2.48 14.09 -27.56
CA LEU B 110 2.09 15.33 -28.23
C LEU B 110 1.23 15.13 -29.48
N SER B 111 0.71 13.92 -29.66
CA SER B 111 -0.22 13.68 -30.76
C SER B 111 -1.53 14.40 -30.48
N HIS B 112 -2.06 15.07 -31.50
CA HIS B 112 -3.34 15.77 -31.37
C HIS B 112 -4.55 14.83 -31.37
N THR B 113 -4.29 13.52 -31.35
CA THR B 113 -5.33 12.49 -31.32
C THR B 113 -5.66 12.07 -29.88
N GLY B 114 -4.63 11.67 -29.13
CA GLY B 114 -4.80 11.17 -27.76
C GLY B 114 -5.15 12.24 -26.74
N PRO B 115 -5.45 11.83 -25.49
CA PRO B 115 -5.84 12.77 -24.43
C PRO B 115 -4.80 13.87 -24.20
N ASP B 116 -5.25 15.01 -23.71
CA ASP B 116 -4.37 16.15 -23.42
C ASP B 116 -3.39 15.85 -22.28
N LEU B 117 -2.20 16.41 -22.40
CA LEU B 117 -1.17 16.30 -21.37
C LEU B 117 -1.54 17.16 -20.17
N ILE B 118 -1.46 18.48 -20.36
CA ILE B 118 -1.89 19.42 -19.34
C ILE B 118 -3.27 19.98 -19.74
N PRO B 119 -4.07 20.38 -18.73
CA PRO B 119 -5.45 20.80 -18.99
C PRO B 119 -5.59 21.96 -19.96
N GLU B 120 -4.58 22.84 -20.03
CA GLU B 120 -4.64 24.02 -20.90
C GLU B 120 -3.35 24.29 -21.66
N VAL B 121 -3.17 23.60 -22.78
CA VAL B 121 -1.96 23.71 -23.60
C VAL B 121 -2.16 24.60 -24.84
N PRO B 122 -1.38 25.70 -24.94
CA PRO B 122 -1.39 26.58 -26.11
C PRO B 122 -0.94 25.85 -27.36
N ARG B 123 -1.76 25.92 -28.40
CA ARG B 123 -1.55 25.17 -29.64
C ARG B 123 -0.32 25.63 -30.41
N GLN B 124 0.03 26.91 -30.24
CA GLN B 124 1.22 27.49 -30.87
C GLN B 124 2.45 26.71 -30.47
N LEU B 125 2.65 26.56 -29.16
CA LEU B 125 3.81 25.90 -28.58
C LEU B 125 3.94 24.42 -28.98
N VAL B 126 2.86 23.86 -29.50
CA VAL B 126 2.86 22.46 -29.91
C VAL B 126 3.56 22.28 -31.26
N THR B 127 3.03 22.92 -32.30
CA THR B 127 3.56 22.78 -33.66
C THR B 127 4.94 23.43 -33.78
N ASN B 128 5.16 24.48 -32.99
CA ASN B 128 6.44 25.17 -32.92
C ASN B 128 7.57 24.20 -32.54
N CYS B 129 7.24 23.23 -31.69
CA CYS B 129 8.21 22.23 -31.25
C CYS B 129 8.50 21.22 -32.36
N THR B 130 7.44 20.79 -33.04
CA THR B 130 7.53 19.79 -34.13
C THR B 130 8.53 20.21 -35.19
N GLN B 131 8.51 21.51 -35.52
CA GLN B 131 9.41 22.09 -36.49
C GLN B 131 10.83 22.11 -35.93
N ARG B 132 11.04 22.89 -34.87
CA ARG B 132 12.34 23.03 -34.21
C ARG B 132 12.98 21.68 -33.91
N LEU B 133 12.15 20.67 -33.73
CA LEU B 133 12.58 19.28 -33.57
C LEU B 133 13.50 18.82 -34.70
N GLU B 134 12.98 18.86 -35.93
CA GLU B 134 13.66 18.26 -37.08
C GLU B 134 14.91 19.02 -37.50
N GLN B 135 14.92 20.34 -37.28
CA GLN B 135 16.01 21.20 -37.73
C GLN B 135 17.28 20.97 -36.90
N GLY B 136 17.19 21.22 -35.60
CA GLY B 136 18.29 21.00 -34.67
C GLY B 136 17.78 20.47 -33.35
N PRO B 137 17.76 19.13 -33.19
CA PRO B 137 17.33 18.49 -31.95
C PRO B 137 18.30 18.76 -30.79
N CYS B 138 18.27 19.99 -30.30
CA CYS B 138 19.19 20.44 -29.26
C CYS B 138 18.73 20.00 -27.88
N LYS B 139 19.47 20.44 -26.86
CA LYS B 139 19.20 20.09 -25.46
C LYS B 139 17.90 20.72 -24.95
N ASP B 140 17.65 21.97 -25.35
CA ASP B 140 16.58 22.78 -24.78
C ASP B 140 15.25 22.68 -25.53
N LEU B 141 15.14 21.68 -26.40
CA LEU B 141 13.99 21.54 -27.30
C LEU B 141 12.64 21.56 -26.59
N PHE B 142 12.57 20.95 -25.41
CA PHE B 142 11.32 20.80 -24.68
C PHE B 142 11.18 21.76 -23.52
N GLN B 143 12.26 22.47 -23.21
CA GLN B 143 12.36 23.40 -22.07
C GLN B 143 11.06 24.10 -21.69
N GLU B 144 10.33 24.62 -22.67
CA GLU B 144 9.08 25.34 -22.40
C GLU B 144 8.03 24.42 -21.78
N LEU B 145 7.85 23.25 -22.36
CA LEU B 145 6.88 22.26 -21.90
C LEU B 145 7.18 21.73 -20.50
N THR B 146 8.42 21.27 -20.32
CA THR B 146 8.90 20.86 -19.01
C THR B 146 8.55 21.91 -17.96
N ARG B 147 8.97 23.15 -18.22
CA ARG B 147 8.71 24.26 -17.31
C ARG B 147 7.22 24.47 -17.10
N LEU B 148 6.42 24.23 -18.15
CA LEU B 148 4.98 24.44 -18.08
C LEU B 148 4.27 23.30 -17.33
N THR B 149 4.76 22.09 -17.54
CA THR B 149 4.27 20.92 -16.83
C THR B 149 4.54 21.07 -15.35
N HIS B 150 5.80 21.38 -15.01
CA HIS B 150 6.20 21.63 -13.62
C HIS B 150 5.38 22.73 -12.97
N GLU B 151 5.00 23.73 -13.76
CA GLU B 151 4.12 24.79 -13.28
C GLU B 151 2.72 24.26 -12.95
N TYR B 152 2.32 23.20 -13.62
CA TYR B 152 1.01 22.61 -13.42
C TYR B 152 0.98 21.77 -12.18
N LEU B 153 1.99 20.91 -12.02
CA LEU B 153 2.05 20.03 -10.85
C LEU B 153 2.20 20.81 -9.57
N SER B 154 3.09 21.78 -9.57
CA SER B 154 3.40 22.60 -8.39
C SER B 154 2.20 23.28 -7.72
N VAL B 155 1.03 23.18 -8.35
CA VAL B 155 -0.16 23.81 -7.81
C VAL B 155 -1.19 22.76 -7.35
N ALA B 156 -2.24 22.55 -8.14
CA ALA B 156 -3.36 21.70 -7.74
C ALA B 156 -2.96 20.28 -7.34
N PRO B 157 -2.18 19.57 -8.18
CA PRO B 157 -1.85 18.20 -7.85
C PRO B 157 -0.94 18.12 -6.65
N PHE B 158 -0.08 19.12 -6.45
CA PHE B 158 0.73 19.15 -5.26
C PHE B 158 -0.20 19.14 -4.05
N ALA B 159 -0.97 20.21 -3.88
CA ALA B 159 -1.87 20.32 -2.72
C ALA B 159 -2.76 19.08 -2.55
N ASP B 160 -3.13 18.48 -3.68
CA ASP B 160 -3.85 17.22 -3.69
C ASP B 160 -3.06 16.14 -2.96
N TYR B 161 -1.87 15.85 -3.49
CA TYR B 161 -0.96 14.91 -2.86
C TYR B 161 -0.81 15.18 -1.35
N LEU B 162 -0.67 16.44 -0.98
CA LEU B 162 -0.48 16.85 0.41
C LEU B 162 -1.64 16.44 1.29
N ASP B 163 -2.81 16.28 0.68
CA ASP B 163 -4.01 15.90 1.40
C ASP B 163 -4.30 14.43 1.08
N SER B 164 -3.24 13.66 0.87
CA SER B 164 -3.39 12.25 0.54
C SER B 164 -2.66 11.39 1.55
N ILE B 165 -3.06 10.12 1.59
CA ILE B 165 -2.39 9.11 2.38
C ILE B 165 -0.90 9.12 2.11
N TYR B 166 -0.55 9.22 0.82
CA TYR B 166 0.84 9.16 0.44
C TYR B 166 1.64 10.17 1.23
N PHE B 167 1.02 11.30 1.57
CA PHE B 167 1.73 12.31 2.33
C PHE B 167 1.93 11.85 3.76
N ASN B 168 0.86 11.30 4.35
CA ASN B 168 0.93 10.70 5.67
C ASN B 168 2.06 9.69 5.75
N ARG B 169 2.17 8.85 4.72
CA ARG B 169 3.21 7.86 4.67
C ARG B 169 4.55 8.58 4.70
N PHE B 170 4.66 9.63 3.90
CA PHE B 170 5.88 10.40 3.88
C PHE B 170 6.23 10.90 5.26
N LEU B 171 5.24 11.42 5.97
CA LEU B 171 5.50 12.02 7.24
C LEU B 171 6.08 10.99 8.15
N GLN B 172 5.53 9.78 8.14
CA GLN B 172 6.11 8.67 8.89
C GLN B 172 7.60 8.53 8.55
N TRP B 173 7.88 8.40 7.25
CA TRP B 173 9.26 8.28 6.81
C TRP B 173 10.07 9.43 7.36
N LYS B 174 9.50 10.63 7.34
CA LYS B 174 10.26 11.77 7.81
C LYS B 174 10.50 11.61 9.29
N TRP B 175 9.45 11.25 10.04
CA TRP B 175 9.62 11.00 11.47
C TRP B 175 10.72 9.98 11.71
N LEU B 176 10.83 8.98 10.84
CA LEU B 176 11.95 8.05 10.93
C LEU B 176 13.34 8.68 10.78
N GLU B 177 13.55 9.54 9.77
CA GLU B 177 14.87 10.15 9.63
C GLU B 177 15.24 10.99 10.85
N ARG B 178 14.25 11.66 11.44
CA ARG B 178 14.51 12.62 12.50
C ARG B 178 14.74 11.98 13.87
N GLN B 179 14.58 10.66 13.96
CA GLN B 179 14.87 9.96 15.19
C GLN B 179 16.36 9.98 15.49
N PRO B 180 16.73 10.11 16.79
CA PRO B 180 18.13 10.28 17.16
C PRO B 180 18.98 9.07 16.79
N VAL B 181 20.29 9.28 16.78
CA VAL B 181 21.25 8.29 16.34
C VAL B 181 22.35 8.22 17.38
N THR B 182 22.73 7.01 17.75
CA THR B 182 23.75 6.79 18.77
C THR B 182 24.72 5.68 18.35
N LYS B 183 25.69 5.42 19.23
CA LYS B 183 26.62 4.30 19.08
C LYS B 183 25.87 3.04 18.64
N ASN B 184 24.71 2.82 19.24
CA ASN B 184 23.89 1.65 18.95
C ASN B 184 23.41 1.54 17.51
N THR B 185 23.22 2.67 16.83
CA THR B 185 22.71 2.66 15.47
C THR B 185 23.64 1.89 14.54
N PHE B 186 24.89 1.74 14.95
CA PHE B 186 25.92 1.14 14.12
C PHE B 186 26.67 -0.01 14.75
N ARG B 187 27.38 -0.76 13.91
CA ARG B 187 28.39 -1.71 14.34
C ARG B 187 29.71 -1.05 13.99
N GLN B 188 30.74 -1.28 14.79
CA GLN B 188 32.08 -0.75 14.49
C GLN B 188 32.88 -1.79 13.72
N TYR B 189 34.04 -1.39 13.21
CA TYR B 189 34.98 -2.34 12.62
C TYR B 189 36.41 -1.86 12.75
N ARG B 190 37.31 -2.53 12.03
CA ARG B 190 38.72 -2.17 11.97
C ARG B 190 38.91 -0.73 11.52
N VAL B 191 39.98 -0.11 11.99
CA VAL B 191 40.34 1.25 11.57
C VAL B 191 40.98 1.25 10.18
N LEU B 192 40.89 2.39 9.50
CA LEU B 192 41.36 2.50 8.12
C LEU B 192 42.45 3.55 7.92
N GLY B 193 42.63 4.40 8.92
CA GLY B 193 43.66 5.44 8.90
C GLY B 193 43.52 6.42 10.04
N LYS B 194 44.63 7.04 10.42
CA LYS B 194 44.61 8.07 11.45
C LYS B 194 44.31 9.41 10.79
N GLY B 195 43.17 9.98 11.18
CA GLY B 195 42.73 11.26 10.64
C GLY B 195 43.27 12.42 11.46
N GLY B 196 42.72 13.60 11.21
CA GLY B 196 43.17 14.82 11.86
C GLY B 196 42.98 14.78 13.37
N PHE B 197 41.82 14.28 13.80
CA PHE B 197 41.49 14.30 15.22
C PHE B 197 41.06 12.93 15.72
N GLY B 198 41.49 11.89 15.02
CA GLY B 198 41.22 10.53 15.46
C GLY B 198 41.13 9.51 14.35
N GLU B 199 40.56 8.36 14.70
CA GLU B 199 40.50 7.21 13.81
C GLU B 199 39.41 7.38 12.75
N VAL B 200 39.63 6.77 11.60
CA VAL B 200 38.60 6.64 10.58
C VAL B 200 38.41 5.15 10.36
N CYS B 201 37.28 4.61 10.83
CA CYS B 201 37.01 3.17 10.71
C CYS B 201 35.70 2.90 9.99
N ALA B 202 35.64 1.76 9.31
CA ALA B 202 34.46 1.38 8.55
C ALA B 202 33.36 0.94 9.50
N CYS B 203 32.11 1.09 9.10
CA CYS B 203 30.99 0.75 9.95
C CYS B 203 29.72 0.44 9.17
N GLN B 204 28.73 -0.09 9.88
CA GLN B 204 27.49 -0.55 9.26
C GLN B 204 26.25 -0.01 9.98
N VAL B 205 25.24 0.36 9.20
CA VAL B 205 23.96 0.75 9.75
C VAL B 205 23.28 -0.54 10.10
N ARG B 206 22.94 -0.68 11.38
CA ARG B 206 22.33 -1.93 11.87
C ARG B 206 21.03 -2.25 11.17
N ALA B 207 20.17 -1.24 11.05
CA ALA B 207 18.88 -1.46 10.43
C ALA B 207 18.97 -1.78 8.93
N THR B 208 19.61 -0.91 8.16
CA THR B 208 19.51 -1.00 6.70
C THR B 208 20.52 -1.91 6.05
N GLY B 209 21.65 -2.09 6.72
CA GLY B 209 22.74 -2.90 6.18
C GLY B 209 23.84 -2.16 5.43
N LYS B 210 23.60 -0.91 5.04
CA LYS B 210 24.56 -0.20 4.20
C LYS B 210 25.86 0.10 4.92
N MET B 211 26.94 0.09 4.14
CA MET B 211 28.28 0.35 4.63
C MET B 211 28.57 1.83 4.58
N TYR B 212 29.38 2.28 5.54
CA TYR B 212 29.76 3.67 5.67
C TYR B 212 31.11 3.74 6.38
N ALA B 213 31.84 4.81 6.14
CA ALA B 213 33.04 5.10 6.92
C ALA B 213 32.67 6.03 8.05
N CYS B 214 33.19 5.77 9.24
CA CYS B 214 32.94 6.64 10.37
C CYS B 214 34.19 7.39 10.80
N LYS B 215 34.25 8.66 10.44
CA LYS B 215 35.34 9.54 10.84
C LYS B 215 35.08 9.98 12.28
N LYS B 216 35.97 9.57 13.18
CA LYS B 216 35.85 9.90 14.58
C LYS B 216 36.78 11.05 14.93
N LEU B 217 36.22 12.04 15.63
CA LEU B 217 37.00 13.18 16.11
C LEU B 217 36.90 13.22 17.63
N GLU B 218 38.03 12.95 18.28
CA GLU B 218 38.07 12.82 19.74
C GLU B 218 37.82 14.15 20.43
N LYS B 219 36.83 14.19 21.31
CA LYS B 219 36.37 15.42 21.97
C LYS B 219 37.50 16.17 22.66
N LYS B 220 38.33 15.41 23.39
CA LYS B 220 39.48 15.98 24.08
C LYS B 220 40.52 16.51 23.09
N ARG B 221 40.86 15.72 22.07
CA ARG B 221 41.78 16.16 21.02
C ARG B 221 41.33 17.47 20.36
N ILE B 222 40.01 17.70 20.33
CA ILE B 222 39.45 18.92 19.76
C ILE B 222 39.65 20.12 20.69
N LYS B 223 39.46 19.90 21.99
CA LYS B 223 39.63 20.98 22.96
C LYS B 223 41.10 21.39 23.10
N LYS B 224 42.00 20.42 22.95
CA LYS B 224 43.44 20.68 23.00
C LYS B 224 43.90 21.57 21.85
N ARG B 225 43.60 21.17 20.61
CA ARG B 225 43.97 21.95 19.43
C ARG B 225 43.00 23.11 19.15
N LYS B 226 41.94 23.19 19.97
CA LYS B 226 40.86 24.18 19.83
C LYS B 226 40.20 24.16 18.43
N GLY B 227 40.11 22.98 17.84
CA GLY B 227 39.59 22.81 16.48
C GLY B 227 38.08 22.80 16.40
N GLU B 228 37.43 23.48 17.34
CA GLU B 228 35.97 23.62 17.36
C GLU B 228 35.46 23.99 15.97
N ALA B 229 35.93 25.12 15.46
CA ALA B 229 35.57 25.58 14.12
C ALA B 229 35.85 24.49 13.08
N MET B 230 37.12 24.14 12.92
CA MET B 230 37.54 23.12 11.97
C MET B 230 36.64 21.89 11.93
N ALA B 231 36.11 21.51 13.09
CA ALA B 231 35.20 20.38 13.16
C ALA B 231 33.87 20.72 12.50
N LEU B 232 33.08 21.54 13.19
CA LEU B 232 31.80 22.03 12.69
C LEU B 232 31.84 22.37 11.21
N ASN B 233 32.94 22.97 10.79
CA ASN B 233 33.11 23.39 9.42
C ASN B 233 33.02 22.22 8.46
N GLU B 234 33.88 21.22 8.64
CA GLU B 234 33.88 20.04 7.78
C GLU B 234 32.48 19.45 7.71
N LYS B 235 31.83 19.37 8.87
CA LYS B 235 30.46 18.88 8.94
C LYS B 235 29.58 19.75 8.05
N GLN B 236 29.44 21.01 8.44
CA GLN B 236 28.48 21.93 7.81
C GLN B 236 28.62 22.04 6.31
N ILE B 237 29.85 21.89 5.83
CA ILE B 237 30.07 21.88 4.40
C ILE B 237 29.58 20.56 3.82
N LEU B 238 30.20 19.46 4.26
CA LEU B 238 29.84 18.14 3.79
C LEU B 238 28.33 17.91 3.75
N GLU B 239 27.64 18.44 4.76
CA GLU B 239 26.20 18.32 4.86
C GLU B 239 25.52 18.89 3.63
N LYS B 240 25.86 20.13 3.28
CA LYS B 240 25.16 20.81 2.21
C LYS B 240 25.53 20.27 0.83
N VAL B 241 26.80 19.93 0.64
CA VAL B 241 27.33 19.52 -0.65
C VAL B 241 26.76 18.20 -1.16
N ASN B 242 26.23 18.23 -2.38
CA ASN B 242 25.62 17.07 -2.99
C ASN B 242 26.21 16.76 -4.36
N SER B 243 27.53 16.65 -4.42
CA SER B 243 28.24 16.34 -5.66
C SER B 243 28.50 14.85 -5.81
N ARG B 244 28.75 14.43 -7.03
CA ARG B 244 29.14 13.06 -7.32
C ARG B 244 30.61 12.80 -6.94
N PHE B 245 31.37 13.87 -6.74
CA PHE B 245 32.81 13.72 -6.58
C PHE B 245 33.34 14.21 -5.23
N VAL B 246 32.44 14.46 -4.31
CA VAL B 246 32.81 14.62 -2.92
C VAL B 246 32.04 13.58 -2.18
N VAL B 247 32.69 12.96 -1.21
CA VAL B 247 32.03 12.02 -0.32
C VAL B 247 30.86 12.73 0.36
N SER B 248 29.70 12.09 0.40
CA SER B 248 28.58 12.71 1.08
C SER B 248 28.56 12.24 2.52
N LEU B 249 27.96 13.07 3.37
CA LEU B 249 27.84 12.79 4.79
C LEU B 249 26.43 12.29 5.10
N ALA B 250 26.33 11.28 5.96
CA ALA B 250 25.02 10.67 6.22
C ALA B 250 24.55 10.81 7.67
N TYR B 251 25.49 10.84 8.60
CA TYR B 251 25.15 10.98 9.99
C TYR B 251 26.16 11.84 10.73
N ALA B 252 25.65 12.69 11.63
CA ALA B 252 26.48 13.43 12.57
C ALA B 252 25.93 13.24 13.98
N TYR B 253 26.69 12.51 14.80
CA TYR B 253 26.24 12.14 16.14
C TYR B 253 27.41 12.09 17.09
N GLU B 254 27.14 11.85 18.37
CA GLU B 254 28.20 11.86 19.38
C GLU B 254 28.28 10.60 20.23
N THR B 255 29.51 10.08 20.41
CA THR B 255 29.75 9.02 21.38
C THR B 255 29.98 9.68 22.74
N LYS B 256 30.47 8.91 23.70
CA LYS B 256 30.87 9.46 24.99
C LYS B 256 32.19 10.21 24.86
N ASP B 257 33.06 9.72 23.98
CA ASP B 257 34.42 10.26 23.86
C ASP B 257 34.67 11.10 22.62
N ALA B 258 33.78 10.99 21.63
CA ALA B 258 34.03 11.57 20.32
C ALA B 258 32.79 12.05 19.59
N LEU B 259 33.00 13.03 18.70
CA LEU B 259 32.00 13.44 17.72
C LEU B 259 32.31 12.70 16.42
N CYS B 260 31.28 12.35 15.65
CA CYS B 260 31.51 11.43 14.53
C CYS B 260 30.77 11.80 13.28
N LEU B 261 31.46 11.66 12.16
CA LEU B 261 30.85 11.88 10.86
C LEU B 261 30.82 10.57 10.11
N VAL B 262 29.68 10.28 9.50
CA VAL B 262 29.53 9.07 8.72
C VAL B 262 29.56 9.42 7.24
N LEU B 263 30.52 8.83 6.54
CA LEU B 263 30.82 9.24 5.19
C LEU B 263 30.74 8.08 4.24
N THR B 264 30.47 8.38 2.99
CA THR B 264 30.49 7.42 1.90
C THR B 264 31.71 6.53 2.10
N LEU B 265 31.51 5.21 2.07
CA LEU B 265 32.64 4.31 2.23
C LEU B 265 33.36 4.09 0.91
N MET B 266 34.68 4.23 0.94
CA MET B 266 35.50 4.20 -0.26
C MET B 266 36.41 3.00 -0.22
N ASN B 267 35.93 1.89 -0.76
CA ASN B 267 36.62 0.60 -0.68
C ASN B 267 37.97 0.53 -1.38
N GLY B 268 38.26 1.55 -2.20
CA GLY B 268 39.50 1.62 -2.94
C GLY B 268 40.59 2.41 -2.25
N GLY B 269 40.29 2.94 -1.07
CA GLY B 269 41.28 3.69 -0.28
C GLY B 269 41.78 4.97 -0.93
N ASP B 270 42.89 5.48 -0.44
CA ASP B 270 43.46 6.73 -0.94
C ASP B 270 44.48 6.54 -2.07
N LEU B 271 44.78 7.61 -2.79
CA LEU B 271 45.75 7.56 -3.88
C LEU B 271 47.18 7.54 -3.35
N LYS B 272 47.37 8.06 -2.14
CA LYS B 272 48.68 8.01 -1.49
C LYS B 272 49.13 6.56 -1.32
N PHE B 273 48.17 5.67 -1.02
CA PHE B 273 48.43 4.24 -0.98
C PHE B 273 48.66 3.70 -2.40
N HIS B 274 47.87 4.20 -3.35
CA HIS B 274 47.89 3.69 -4.72
C HIS B 274 49.13 4.02 -5.54
N ILE B 275 49.80 5.12 -5.22
CA ILE B 275 50.97 5.54 -5.98
C ILE B 275 52.24 4.85 -5.47
N TYR B 276 52.52 5.02 -4.18
CA TYR B 276 53.75 4.54 -3.56
C TYR B 276 53.73 3.02 -3.34
N HIS B 277 52.64 2.53 -2.74
CA HIS B 277 52.58 1.15 -2.25
C HIS B 277 51.90 0.17 -3.23
N MET B 278 52.09 0.35 -4.53
CA MET B 278 51.46 -0.51 -5.52
C MET B 278 52.45 -1.07 -6.55
N GLY B 279 53.42 -1.86 -6.05
CA GLY B 279 54.48 -2.42 -6.88
C GLY B 279 55.41 -1.33 -7.36
N GLN B 280 55.39 -1.06 -8.67
CA GLN B 280 56.14 0.04 -9.25
C GLN B 280 55.43 1.36 -8.96
N ALA B 281 56.20 2.44 -8.90
CA ALA B 281 55.64 3.76 -8.62
C ALA B 281 54.94 4.37 -9.84
N GLY B 282 53.74 4.90 -9.60
CA GLY B 282 53.02 5.68 -10.61
C GLY B 282 52.03 4.91 -11.47
N PHE B 283 51.17 5.66 -12.16
CA PHE B 283 50.19 5.08 -13.08
C PHE B 283 50.52 5.49 -14.51
N PRO B 284 50.11 4.67 -15.51
CA PRO B 284 50.17 5.06 -16.92
C PRO B 284 49.44 6.39 -17.17
N GLU B 285 49.70 7.01 -18.32
CA GLU B 285 49.09 8.31 -18.65
C GLU B 285 47.55 8.24 -18.68
N ALA B 286 47.01 7.28 -19.42
CA ALA B 286 45.55 7.14 -19.60
C ALA B 286 44.78 7.20 -18.28
N ARG B 287 45.31 6.52 -17.27
CA ARG B 287 44.69 6.45 -15.95
C ARG B 287 44.75 7.78 -15.20
N ALA B 288 45.97 8.29 -15.01
CA ALA B 288 46.18 9.55 -14.28
C ALA B 288 45.42 10.71 -14.90
N VAL B 289 45.18 10.62 -16.21
CA VAL B 289 44.35 11.59 -16.92
C VAL B 289 42.91 11.50 -16.43
N PHE B 290 42.35 10.29 -16.46
CA PHE B 290 40.98 10.05 -16.00
C PHE B 290 40.77 10.74 -14.66
N TYR B 291 41.63 10.42 -13.70
CA TYR B 291 41.50 10.97 -12.35
C TYR B 291 41.57 12.49 -12.37
N ALA B 292 42.61 13.05 -12.96
CA ALA B 292 42.73 14.49 -13.08
C ALA B 292 41.38 15.07 -13.51
N ALA B 293 40.80 14.49 -14.55
CA ALA B 293 39.55 14.98 -15.11
C ALA B 293 38.40 14.92 -14.11
N GLU B 294 38.32 13.83 -13.34
CA GLU B 294 37.33 13.72 -12.26
C GLU B 294 37.61 14.83 -11.25
N ILE B 295 38.78 14.76 -10.60
CA ILE B 295 39.17 15.75 -9.59
C ILE B 295 38.82 17.16 -10.06
N CYS B 296 38.96 17.38 -11.36
CA CYS B 296 38.55 18.61 -12.00
C CYS B 296 37.08 18.90 -11.66
N CYS B 297 36.18 18.02 -12.07
CA CYS B 297 34.73 18.21 -11.87
C CYS B 297 34.35 18.46 -10.42
N GLY B 298 34.97 17.70 -9.52
CA GLY B 298 34.74 17.88 -8.09
C GLY B 298 35.03 19.30 -7.68
N LEU B 299 36.21 19.76 -8.07
CA LEU B 299 36.63 21.14 -7.83
C LEU B 299 35.66 22.13 -8.46
N GLU B 300 35.24 21.83 -9.69
CA GLU B 300 34.25 22.66 -10.35
C GLU B 300 32.99 22.74 -9.50
N ASP B 301 32.52 21.58 -9.05
CA ASP B 301 31.34 21.52 -8.17
C ASP B 301 31.52 22.40 -6.95
N LEU B 302 32.65 22.22 -6.27
CA LEU B 302 32.94 22.95 -5.05
C LEU B 302 33.00 24.46 -5.28
N HIS B 303 33.67 24.87 -6.35
CA HIS B 303 33.85 26.28 -6.62
C HIS B 303 32.53 26.90 -7.05
N ARG B 304 31.77 26.13 -7.83
CA ARG B 304 30.46 26.54 -8.28
C ARG B 304 29.61 26.86 -7.05
N GLU B 305 29.99 26.26 -5.91
CA GLU B 305 29.30 26.47 -4.64
C GLU B 305 29.92 27.60 -3.84
N ARG B 306 30.93 28.23 -4.41
CA ARG B 306 31.66 29.30 -3.73
C ARG B 306 32.41 28.75 -2.52
N ILE B 307 33.04 27.60 -2.72
CA ILE B 307 33.86 27.00 -1.67
C ILE B 307 35.21 26.57 -2.23
N VAL B 308 36.26 26.84 -1.47
CA VAL B 308 37.62 26.51 -1.85
C VAL B 308 38.21 25.40 -0.96
N TYR B 309 38.68 24.34 -1.61
CA TYR B 309 39.08 23.10 -0.95
C TYR B 309 40.30 23.26 -0.07
N ARG B 310 41.31 23.95 -0.60
CA ARG B 310 42.53 24.30 0.13
C ARG B 310 43.41 23.13 0.57
N ASP B 311 43.07 21.90 0.19
CA ASP B 311 43.87 20.77 0.65
C ASP B 311 43.78 19.56 -0.28
N LEU B 312 44.07 19.80 -1.56
CA LEU B 312 44.15 18.71 -2.50
C LEU B 312 45.51 18.04 -2.38
N LYS B 313 45.47 16.74 -2.08
CA LYS B 313 46.65 15.92 -1.91
C LYS B 313 46.20 14.45 -1.91
N PRO B 314 47.08 13.51 -2.34
CA PRO B 314 46.72 12.10 -2.57
C PRO B 314 45.91 11.44 -1.44
N GLU B 315 46.30 11.70 -0.19
CA GLU B 315 45.61 11.14 0.97
C GLU B 315 44.16 11.62 1.12
N ASN B 316 43.83 12.72 0.43
CA ASN B 316 42.49 13.28 0.47
C ASN B 316 41.69 12.98 -0.80
N ILE B 317 42.25 12.14 -1.67
CA ILE B 317 41.49 11.62 -2.80
C ILE B 317 41.23 10.15 -2.54
N LEU B 318 40.00 9.70 -2.78
CA LEU B 318 39.59 8.33 -2.45
C LEU B 318 38.85 7.63 -3.59
N LEU B 319 38.97 6.30 -3.61
CA LEU B 319 38.35 5.44 -4.64
C LEU B 319 37.18 4.60 -4.11
N ASP B 320 36.14 4.49 -4.93
CA ASP B 320 34.98 3.67 -4.58
C ASP B 320 35.19 2.20 -4.98
N ASP B 321 34.09 1.50 -5.28
CA ASP B 321 34.16 0.11 -5.68
C ASP B 321 34.33 -0.02 -7.19
N HIS B 322 33.58 0.81 -7.92
CA HIS B 322 33.57 0.76 -9.37
C HIS B 322 34.83 1.34 -9.96
N GLY B 323 35.39 2.36 -9.31
CA GLY B 323 36.66 2.95 -9.74
C GLY B 323 36.72 4.46 -9.88
N HIS B 324 35.61 5.15 -9.65
CA HIS B 324 35.61 6.61 -9.62
C HIS B 324 36.22 7.11 -8.31
N ILE B 325 36.43 8.42 -8.21
CA ILE B 325 37.05 8.98 -7.01
C ILE B 325 36.23 10.07 -6.34
N ARG B 326 36.59 10.36 -5.10
CA ARG B 326 36.00 11.49 -4.38
C ARG B 326 37.02 12.27 -3.55
N ILE B 327 36.84 13.58 -3.53
CA ILE B 327 37.51 14.46 -2.61
C ILE B 327 37.03 14.16 -1.22
N SER B 328 37.91 14.27 -0.24
CA SER B 328 37.53 14.06 1.15
C SER B 328 38.34 14.93 2.11
N ASP B 329 38.09 14.76 3.41
CA ASP B 329 38.78 15.50 4.48
C ASP B 329 38.77 16.99 4.21
N LEU B 330 37.58 17.56 4.24
CA LEU B 330 37.39 18.96 3.93
C LEU B 330 37.53 19.82 5.17
N GLY B 331 38.55 19.53 5.98
CA GLY B 331 38.84 20.29 7.18
C GLY B 331 39.19 21.74 6.91
N LEU B 332 40.09 21.96 5.95
CA LEU B 332 40.64 23.29 5.71
C LEU B 332 39.85 24.10 4.69
N ALA B 333 38.86 23.48 4.07
CA ALA B 333 38.04 24.17 3.06
C ALA B 333 37.21 25.29 3.69
N VAL B 334 36.77 26.23 2.87
CA VAL B 334 35.91 27.30 3.39
C VAL B 334 35.16 28.09 2.32
N HIS B 335 34.12 28.78 2.75
CA HIS B 335 33.21 29.48 1.87
C HIS B 335 33.76 30.84 1.48
N VAL B 336 33.55 31.22 0.22
CA VAL B 336 33.99 32.50 -0.29
C VAL B 336 32.82 33.29 -0.86
N PRO B 337 32.49 34.44 -0.26
CA PRO B 337 31.36 35.22 -0.76
C PRO B 337 31.62 35.63 -2.21
N GLU B 338 30.56 35.84 -2.98
CA GLU B 338 30.71 36.15 -4.40
C GLU B 338 31.30 37.54 -4.58
N GLY B 339 32.38 37.61 -5.35
CA GLY B 339 33.07 38.87 -5.63
C GLY B 339 34.06 39.28 -4.57
N GLN B 340 34.67 38.30 -3.91
CA GLN B 340 35.65 38.56 -2.84
C GLN B 340 36.81 37.56 -2.85
N THR B 341 37.82 37.82 -2.02
CA THR B 341 38.89 36.86 -1.73
C THR B 341 39.24 36.91 -0.24
N ILE B 342 40.01 35.93 0.21
CA ILE B 342 40.52 35.90 1.57
C ILE B 342 41.96 35.45 1.60
N LYS B 343 42.61 35.69 2.74
CA LYS B 343 43.97 35.25 3.00
C LYS B 343 43.99 34.18 4.09
N GLY B 344 45.05 33.38 4.09
CA GLY B 344 45.23 32.32 5.07
C GLY B 344 46.38 31.37 4.73
N ARG B 345 47.31 31.24 5.66
CA ARG B 345 48.46 30.35 5.51
C ARG B 345 48.05 28.91 5.87
N VAL B 346 47.30 28.25 4.99
CA VAL B 346 46.75 26.93 5.29
C VAL B 346 46.82 25.91 4.15
N GLY B 347 47.15 24.69 4.52
CA GLY B 347 47.32 23.60 3.56
C GLY B 347 48.46 22.72 4.04
N THR B 348 48.74 21.67 3.26
CA THR B 348 49.84 20.77 3.60
C THR B 348 51.07 21.10 2.77
N VAL B 349 52.22 21.12 3.44
CA VAL B 349 53.54 21.43 2.86
C VAL B 349 53.73 20.86 1.45
N GLY B 350 54.09 21.72 0.51
CA GLY B 350 54.42 21.27 -0.85
C GLY B 350 53.29 21.37 -1.87
N TYR B 351 52.08 21.04 -1.44
CA TYR B 351 50.91 21.12 -2.31
C TYR B 351 50.30 22.53 -2.28
N MET B 352 50.74 23.34 -1.31
CA MET B 352 50.34 24.74 -1.21
C MET B 352 50.90 25.57 -2.36
N ALA B 353 50.24 26.69 -2.66
CA ALA B 353 50.52 27.52 -3.83
C ALA B 353 51.36 28.76 -3.50
N PRO B 354 52.16 29.24 -4.48
CA PRO B 354 53.06 30.39 -4.28
C PRO B 354 52.42 31.54 -3.50
N GLU B 355 51.20 31.90 -3.87
CA GLU B 355 50.47 33.01 -3.24
C GLU B 355 49.97 32.66 -1.85
N VAL B 356 49.77 31.37 -1.61
CA VAL B 356 49.41 30.91 -0.28
C VAL B 356 50.60 31.17 0.64
N VAL B 357 51.75 30.58 0.29
CA VAL B 357 52.98 30.75 1.07
C VAL B 357 53.23 32.25 1.30
N LYS B 358 53.03 33.03 0.25
CA LYS B 358 53.23 34.48 0.26
C LYS B 358 52.14 35.27 1.02
N ASN B 359 51.26 34.56 1.75
CA ASN B 359 50.18 35.20 2.52
C ASN B 359 49.39 36.19 1.66
N GLU B 360 49.35 35.91 0.36
CA GLU B 360 48.62 36.72 -0.62
C GLU B 360 47.15 36.30 -0.70
N ARG B 361 46.28 37.18 -1.20
CA ARG B 361 44.84 36.92 -1.28
C ARG B 361 44.47 36.13 -2.54
N TYR B 362 43.42 35.30 -2.47
CA TYR B 362 43.09 34.37 -3.57
C TYR B 362 41.64 33.93 -3.68
N THR B 363 41.29 33.46 -4.88
CA THR B 363 40.01 32.83 -5.16
C THR B 363 40.14 31.33 -5.11
N PHE B 364 39.99 30.69 -6.27
CA PHE B 364 40.04 29.25 -6.39
C PHE B 364 41.37 28.81 -6.97
N SER B 365 42.32 29.75 -7.02
CA SER B 365 43.67 29.52 -7.52
C SER B 365 44.33 28.32 -6.85
N PRO B 366 44.47 28.37 -5.50
CA PRO B 366 45.27 27.37 -4.81
C PRO B 366 44.91 25.93 -5.18
N ASP B 367 43.64 25.69 -5.51
CA ASP B 367 43.17 24.35 -5.83
C ASP B 367 43.66 23.93 -7.21
N TRP B 368 43.45 24.79 -8.20
CA TRP B 368 43.91 24.52 -9.56
C TRP B 368 45.41 24.29 -9.61
N TRP B 369 46.12 24.94 -8.70
CA TRP B 369 47.54 24.68 -8.47
C TRP B 369 47.71 23.24 -8.01
N ALA B 370 47.06 22.90 -6.90
CA ALA B 370 47.17 21.58 -6.29
C ALA B 370 46.86 20.46 -7.28
N LEU B 371 46.04 20.78 -8.28
CA LEU B 371 45.70 19.83 -9.32
C LEU B 371 46.95 19.47 -10.12
N GLY B 372 47.70 20.50 -10.52
CA GLY B 372 48.97 20.30 -11.19
C GLY B 372 49.87 19.43 -10.34
N CYS B 373 50.06 19.84 -9.08
CA CYS B 373 50.84 19.10 -8.10
C CYS B 373 50.44 17.64 -8.10
N LEU B 374 49.14 17.39 -8.14
CA LEU B 374 48.64 16.02 -8.10
C LEU B 374 48.86 15.29 -9.42
N LEU B 375 48.59 15.96 -10.54
CA LEU B 375 48.80 15.34 -11.85
C LEU B 375 50.27 15.01 -12.06
N TYR B 376 51.14 15.86 -11.51
CA TYR B 376 52.56 15.58 -11.46
C TYR B 376 52.77 14.27 -10.70
N GLU B 377 52.47 14.30 -9.40
CA GLU B 377 52.76 13.17 -8.51
C GLU B 377 52.20 11.85 -9.02
N MET B 378 51.22 11.93 -9.91
CA MET B 378 50.61 10.75 -10.50
C MET B 378 51.45 10.16 -11.64
N ILE B 379 51.90 11.01 -12.55
CA ILE B 379 52.64 10.56 -13.73
C ILE B 379 54.12 10.38 -13.41
N ALA B 380 54.66 11.29 -12.61
CA ALA B 380 56.08 11.27 -12.26
C ALA B 380 56.38 10.18 -11.24
N GLY B 381 55.43 9.93 -10.34
CA GLY B 381 55.63 8.97 -9.26
C GLY B 381 56.19 9.62 -8.01
N GLN B 382 56.62 10.88 -8.13
CA GLN B 382 57.22 11.60 -7.01
C GLN B 382 56.60 12.99 -6.89
N SER B 383 56.62 13.53 -5.67
CA SER B 383 56.18 14.89 -5.39
C SER B 383 57.12 15.90 -6.06
N PRO B 384 56.55 16.90 -6.76
CA PRO B 384 57.33 17.85 -7.53
C PRO B 384 58.23 18.74 -6.67
N PHE B 385 58.09 18.64 -5.35
CA PHE B 385 58.88 19.47 -4.45
C PHE B 385 59.43 18.69 -3.25
N GLN B 386 58.63 17.77 -2.72
CA GLN B 386 59.11 16.88 -1.66
C GLN B 386 59.55 15.56 -2.27
N LYS B 390 63.58 10.41 0.49
CA LYS B 390 64.45 11.52 0.86
C LYS B 390 63.67 12.60 1.61
N LYS B 391 63.96 12.73 2.90
CA LYS B 391 63.26 13.70 3.76
C LYS B 391 63.85 15.10 3.63
N ILE B 392 63.12 15.98 2.94
CA ILE B 392 63.53 17.37 2.75
C ILE B 392 62.88 18.24 3.82
N LYS B 393 63.67 19.14 4.42
CA LYS B 393 63.21 19.96 5.53
C LYS B 393 62.21 21.05 5.14
N ARG B 394 61.65 21.70 6.16
CA ARG B 394 60.57 22.69 6.03
C ARG B 394 60.73 23.73 4.92
N GLU B 395 61.70 24.62 5.09
CA GLU B 395 61.76 25.88 4.37
C GLU B 395 62.24 25.77 2.92
N GLU B 396 63.05 24.75 2.62
CA GLU B 396 63.59 24.55 1.27
C GLU B 396 62.47 24.30 0.26
N VAL B 397 61.50 23.46 0.65
CA VAL B 397 60.35 23.16 -0.17
C VAL B 397 59.57 24.44 -0.48
N GLU B 398 59.43 25.31 0.53
CA GLU B 398 58.72 26.57 0.39
C GLU B 398 59.37 27.51 -0.63
N ARG B 399 60.70 27.59 -0.59
CA ARG B 399 61.45 28.40 -1.54
C ARG B 399 61.45 27.77 -2.93
N LEU B 400 61.54 26.44 -2.96
CA LEU B 400 61.56 25.67 -4.21
C LEU B 400 60.32 25.96 -5.05
N VAL B 401 59.22 26.29 -4.39
CA VAL B 401 57.96 26.62 -5.06
C VAL B 401 57.96 28.07 -5.54
N LYS B 402 58.31 28.99 -4.63
CA LYS B 402 58.28 30.43 -4.92
C LYS B 402 59.09 30.85 -6.13
N GLU B 403 60.08 30.06 -6.51
CA GLU B 403 61.03 30.45 -7.55
C GLU B 403 61.33 29.37 -8.60
N VAL B 404 61.66 28.15 -8.16
CA VAL B 404 62.10 27.07 -9.05
C VAL B 404 60.96 26.43 -9.84
N PRO B 405 61.08 26.45 -11.19
CA PRO B 405 60.09 25.81 -12.06
C PRO B 405 60.17 24.29 -12.02
N GLU B 406 59.16 23.64 -12.60
CA GLU B 406 59.04 22.19 -12.56
C GLU B 406 60.00 21.47 -13.49
N GLU B 407 60.49 20.31 -13.04
CA GLU B 407 61.44 19.50 -13.78
C GLU B 407 60.76 18.23 -14.26
N TYR B 408 60.64 18.07 -15.57
CA TYR B 408 59.98 16.92 -16.16
C TYR B 408 60.95 15.77 -16.37
N SER B 409 60.53 14.57 -15.97
CA SER B 409 61.27 13.35 -16.30
C SER B 409 60.81 12.86 -17.66
N GLU B 410 61.53 11.91 -18.23
CA GLU B 410 61.18 11.39 -19.56
C GLU B 410 60.05 10.37 -19.48
N ARG B 411 58.86 10.88 -19.17
CA ARG B 411 57.65 10.07 -19.10
C ARG B 411 56.48 10.83 -19.73
N PHE B 412 56.52 12.16 -19.57
CA PHE B 412 55.46 13.04 -20.02
C PHE B 412 55.42 13.14 -21.53
N SER B 413 54.23 12.98 -22.10
CA SER B 413 54.01 13.15 -23.53
C SER B 413 54.03 14.64 -23.88
N PRO B 414 54.04 14.97 -25.19
CA PRO B 414 54.00 16.37 -25.61
C PRO B 414 52.94 17.17 -24.86
N GLN B 415 51.68 16.75 -24.98
CA GLN B 415 50.55 17.49 -24.40
C GLN B 415 50.50 17.40 -22.88
N ALA B 416 50.88 16.24 -22.35
CA ALA B 416 50.92 16.03 -20.91
C ALA B 416 51.66 17.17 -20.23
N ARG B 417 52.86 17.45 -20.71
CA ARG B 417 53.69 18.54 -20.22
C ARG B 417 52.95 19.89 -20.28
N SER B 418 52.35 20.18 -21.42
CA SER B 418 51.73 21.49 -21.68
C SER B 418 50.71 21.89 -20.64
N LEU B 419 49.94 20.91 -20.15
CA LEU B 419 48.92 21.18 -19.16
C LEU B 419 49.53 21.47 -17.80
N CYS B 420 50.31 20.53 -17.28
CA CYS B 420 50.88 20.65 -15.95
C CYS B 420 51.47 22.04 -15.72
N SER B 421 52.31 22.47 -16.65
CA SER B 421 52.97 23.77 -16.58
C SER B 421 51.98 24.93 -16.57
N GLN B 422 51.01 24.90 -17.48
CA GLN B 422 49.96 25.91 -17.52
C GLN B 422 49.22 25.97 -16.19
N LEU B 423 49.12 24.82 -15.52
CA LEU B 423 48.51 24.73 -14.20
C LEU B 423 49.51 25.06 -13.10
N LEU B 424 50.80 24.86 -13.40
CA LEU B 424 51.85 25.13 -12.43
C LEU B 424 52.56 26.46 -12.66
N CYS B 425 51.90 27.35 -13.40
CA CYS B 425 52.33 28.73 -13.52
C CYS B 425 52.31 29.36 -12.14
N LYS B 426 53.34 30.13 -11.81
CA LYS B 426 53.47 30.67 -10.48
C LYS B 426 52.66 31.95 -10.27
N ASP B 427 52.14 32.51 -11.35
CA ASP B 427 51.30 33.69 -11.26
C ASP B 427 49.82 33.32 -11.20
N PRO B 428 49.14 33.75 -10.14
CA PRO B 428 47.70 33.56 -9.96
C PRO B 428 46.88 34.17 -11.09
N ALA B 429 47.15 35.44 -11.42
CA ALA B 429 46.37 36.18 -12.43
C ALA B 429 46.48 35.57 -13.83
N GLU B 430 47.45 34.67 -14.02
CA GLU B 430 47.72 34.08 -15.33
C GLU B 430 47.85 32.56 -15.32
N ARG B 431 47.53 31.94 -14.19
CA ARG B 431 47.46 30.49 -14.10
C ARG B 431 46.18 29.99 -14.76
N LEU B 432 46.26 28.85 -15.42
CA LEU B 432 45.12 28.26 -16.13
C LEU B 432 43.92 28.06 -15.21
N GLY B 433 42.80 28.69 -15.55
CA GLY B 433 41.55 28.55 -14.79
C GLY B 433 41.18 29.74 -13.93
N CYS B 434 42.21 30.44 -13.42
CA CYS B 434 42.00 31.53 -12.46
C CYS B 434 41.92 32.88 -13.15
N ARG B 435 42.01 32.87 -14.47
CA ARG B 435 41.88 34.08 -15.29
C ARG B 435 40.45 34.60 -15.28
N GLY B 436 39.53 33.77 -14.80
CA GLY B 436 38.11 34.10 -14.80
C GLY B 436 37.34 33.16 -15.71
N GLY B 437 38.04 32.21 -16.31
CA GLY B 437 37.43 31.19 -17.16
C GLY B 437 36.91 30.01 -16.35
N SER B 438 37.40 29.88 -15.12
CA SER B 438 37.07 28.75 -14.24
C SER B 438 37.43 27.42 -14.90
N ALA B 439 36.71 26.37 -14.53
CA ALA B 439 36.98 25.04 -15.06
C ALA B 439 36.82 24.98 -16.57
N ARG B 440 35.96 25.84 -17.12
CA ARG B 440 35.71 25.88 -18.56
C ARG B 440 36.99 25.63 -19.36
N GLU B 441 38.01 26.45 -19.14
CA GLU B 441 39.25 26.35 -19.89
C GLU B 441 40.03 25.07 -19.59
N VAL B 442 40.07 24.66 -18.32
CA VAL B 442 40.82 23.47 -17.91
C VAL B 442 40.26 22.21 -18.57
N LYS B 443 38.96 22.23 -18.88
CA LYS B 443 38.32 21.15 -19.61
C LYS B 443 38.81 21.12 -21.05
N GLU B 444 38.78 22.29 -21.70
CA GLU B 444 38.98 22.44 -23.13
C GLU B 444 40.42 22.16 -23.59
N HIS B 445 41.31 21.94 -22.64
CA HIS B 445 42.71 21.64 -22.92
C HIS B 445 42.85 20.42 -23.84
N PRO B 446 43.83 20.45 -24.76
CA PRO B 446 44.05 19.37 -25.72
C PRO B 446 44.39 17.99 -25.13
N LEU B 447 44.73 17.90 -23.86
CA LEU B 447 45.02 16.59 -23.24
C LEU B 447 43.78 15.71 -23.14
N PHE B 448 42.65 16.32 -22.76
CA PHE B 448 41.39 15.60 -22.66
C PHE B 448 40.76 15.41 -24.04
N LYS B 449 41.54 14.80 -24.93
CA LYS B 449 41.11 14.53 -26.31
C LYS B 449 39.87 13.66 -26.35
N LYS B 450 40.03 12.43 -25.88
CA LYS B 450 39.06 11.37 -26.12
C LYS B 450 38.13 11.16 -24.91
N LEU B 451 37.78 12.25 -24.26
CA LEU B 451 36.90 12.22 -23.09
C LEU B 451 35.70 13.14 -23.29
N ASN B 452 34.58 12.76 -22.69
CA ASN B 452 33.35 13.56 -22.77
C ASN B 452 32.94 14.07 -21.40
N PHE B 453 33.21 15.35 -21.15
CA PHE B 453 32.95 15.97 -19.85
C PHE B 453 31.46 16.01 -19.48
N LYS B 454 30.62 15.95 -20.50
CA LYS B 454 29.18 15.78 -20.31
C LYS B 454 28.92 14.42 -19.65
N ARG B 455 29.61 13.40 -20.13
CA ARG B 455 29.38 12.02 -19.72
C ARG B 455 30.11 11.62 -18.45
N LEU B 456 31.23 12.29 -18.16
CA LEU B 456 31.99 12.01 -16.95
C LEU B 456 31.31 12.62 -15.72
N GLY B 457 30.62 13.73 -15.93
CA GLY B 457 29.84 14.37 -14.88
C GLY B 457 28.57 13.62 -14.61
N ALA B 458 28.43 12.46 -15.24
CA ALA B 458 27.28 11.59 -15.07
C ALA B 458 27.72 10.24 -14.51
N GLY B 459 29.00 9.94 -14.64
CA GLY B 459 29.53 8.64 -14.24
C GLY B 459 29.28 7.59 -15.31
N MET B 460 29.04 8.07 -16.53
CA MET B 460 28.75 7.21 -17.68
C MET B 460 30.03 6.82 -18.41
N LEU B 461 31.16 6.91 -17.73
CA LEU B 461 32.42 6.54 -18.33
C LEU B 461 33.18 5.55 -17.48
N GLU B 462 33.50 4.41 -18.10
CA GLU B 462 34.25 3.34 -17.48
C GLU B 462 35.63 3.86 -17.09
N PRO B 463 35.94 3.86 -15.78
CA PRO B 463 37.31 4.15 -15.37
C PRO B 463 38.25 3.02 -15.80
N PRO B 464 39.45 3.37 -16.29
CA PRO B 464 40.36 2.39 -16.89
C PRO B 464 40.77 1.27 -15.93
N PHE B 465 40.74 1.57 -14.63
CA PHE B 465 41.10 0.59 -13.62
C PHE B 465 39.96 0.32 -12.64
N LYS B 466 39.66 -0.97 -12.44
CA LYS B 466 38.67 -1.42 -11.47
C LYS B 466 39.37 -2.15 -10.31
N PRO B 467 39.19 -1.66 -9.08
CA PRO B 467 39.77 -2.32 -7.91
C PRO B 467 39.17 -3.69 -7.68
N ASP B 468 40.00 -4.63 -7.24
CA ASP B 468 39.52 -5.93 -6.84
C ASP B 468 38.68 -5.78 -5.58
N PRO B 469 37.41 -6.20 -5.64
CA PRO B 469 36.49 -6.12 -4.51
C PRO B 469 37.00 -6.85 -3.27
N GLN B 470 37.82 -7.88 -3.48
CA GLN B 470 38.34 -8.69 -2.37
C GLN B 470 39.72 -8.22 -1.91
N ALA B 471 40.04 -6.96 -2.16
CA ALA B 471 41.30 -6.39 -1.71
C ALA B 471 41.04 -5.18 -0.82
N ILE B 472 41.73 -5.12 0.31
CA ILE B 472 41.62 -4.00 1.23
C ILE B 472 42.80 -3.07 0.98
N TYR B 473 42.51 -1.90 0.43
CA TYR B 473 43.55 -0.98 -0.03
C TYR B 473 43.99 0.00 1.05
N CYS B 474 44.56 -0.51 2.14
CA CYS B 474 45.33 0.27 3.10
C CYS B 474 46.09 -0.63 4.08
N LYS B 475 46.92 0.01 4.92
CA LYS B 475 47.78 -0.70 5.86
C LYS B 475 46.98 -1.55 6.85
N ASP B 476 47.65 -2.54 7.45
CA ASP B 476 47.03 -3.35 8.48
C ASP B 476 46.98 -2.58 9.81
N VAL B 477 46.13 -3.06 10.71
CA VAL B 477 45.80 -2.35 11.95
C VAL B 477 47.02 -1.84 12.72
N LEU B 478 47.95 -2.75 13.02
CA LEU B 478 49.13 -2.41 13.80
C LEU B 478 50.13 -1.55 13.04
N ASP B 479 49.96 -1.46 11.73
CA ASP B 479 50.80 -0.62 10.89
C ASP B 479 50.24 0.80 10.79
N ILE B 480 49.63 1.26 11.88
CA ILE B 480 49.03 2.59 11.94
C ILE B 480 49.33 3.27 13.27
N GLU B 481 49.77 4.52 13.20
CA GLU B 481 50.19 5.29 14.37
C GLU B 481 49.03 5.65 15.29
N GLN B 482 49.36 6.09 16.50
CA GLN B 482 48.41 6.66 17.45
C GLN B 482 49.11 7.56 18.44
N PHE B 483 48.89 8.87 18.33
CA PHE B 483 49.55 9.86 19.19
C PHE B 483 49.19 9.66 20.66
N SER B 484 50.11 10.05 21.54
CA SER B 484 49.93 9.94 22.99
C SER B 484 48.67 10.67 23.43
N THR B 485 47.69 9.91 23.90
CA THR B 485 46.43 10.46 24.37
C THR B 485 46.62 11.20 25.69
N VAL B 486 47.09 12.44 25.60
CA VAL B 486 47.44 13.26 26.76
C VAL B 486 46.20 13.60 27.60
N LYS B 487 46.26 13.27 28.88
CA LYS B 487 45.19 13.61 29.81
C LYS B 487 45.41 15.01 30.37
N GLY B 488 44.97 15.23 31.60
CA GLY B 488 45.02 16.56 32.22
C GLY B 488 44.02 17.50 31.58
N VAL B 489 42.93 16.93 31.06
CA VAL B 489 41.88 17.68 30.38
C VAL B 489 40.50 17.25 30.88
N GLU B 490 39.75 18.22 31.43
CA GLU B 490 38.36 18.00 31.81
C GLU B 490 37.43 18.80 30.90
N LEU B 491 36.41 18.13 30.39
CA LEU B 491 35.44 18.74 29.49
C LEU B 491 34.42 19.53 30.28
N GLU B 492 34.07 20.71 29.76
CA GLU B 492 33.22 21.65 30.50
C GLU B 492 31.87 21.89 29.84
N PRO B 493 30.83 22.17 30.65
CA PRO B 493 29.47 22.48 30.19
C PRO B 493 29.37 23.47 29.03
N THR B 494 30.45 24.20 28.75
CA THR B 494 30.50 25.11 27.61
C THR B 494 30.49 24.32 26.30
N ASP B 495 31.27 23.25 26.25
CA ASP B 495 31.40 22.41 25.05
C ASP B 495 30.13 21.62 24.76
N GLN B 496 29.34 21.37 25.80
CA GLN B 496 28.06 20.66 25.67
C GLN B 496 27.15 21.38 24.70
N ASP B 497 27.00 22.69 24.88
CA ASP B 497 26.19 23.53 23.99
C ASP B 497 26.70 23.44 22.56
N PHE B 498 28.02 23.33 22.42
CA PHE B 498 28.65 23.15 21.13
C PHE B 498 28.33 21.78 20.57
N TYR B 499 28.40 20.76 21.42
CA TYR B 499 28.14 19.39 21.01
C TYR B 499 26.76 19.25 20.41
N GLN B 500 25.77 19.84 21.09
CA GLN B 500 24.41 19.87 20.60
C GLN B 500 24.37 20.41 19.17
N LYS B 501 24.97 21.59 18.99
CA LYS B 501 25.02 22.28 17.70
C LYS B 501 25.70 21.44 16.61
N PHE B 502 26.52 20.47 17.02
CA PHE B 502 27.23 19.60 16.08
C PHE B 502 26.42 18.39 15.66
N ALA B 503 26.04 17.57 16.64
CA ALA B 503 25.35 16.31 16.38
C ALA B 503 23.89 16.52 15.99
N THR B 504 23.68 16.79 14.72
CA THR B 504 22.35 17.11 14.19
C THR B 504 21.62 15.86 13.68
N GLY B 505 22.15 14.71 14.05
CA GLY B 505 21.55 13.43 13.70
C GLY B 505 21.88 13.04 12.28
N SER B 506 20.84 12.71 11.53
CA SER B 506 21.00 12.18 10.20
C SER B 506 20.83 13.27 9.16
N VAL B 507 21.22 12.98 7.93
CA VAL B 507 21.13 13.96 6.87
C VAL B 507 20.05 13.55 5.88
N PRO B 508 19.02 14.41 5.72
CA PRO B 508 17.83 14.14 4.93
C PRO B 508 18.08 13.35 3.65
N ILE B 509 18.83 13.93 2.72
CA ILE B 509 18.94 13.35 1.38
C ILE B 509 19.64 11.99 1.41
N PRO B 510 20.87 11.95 1.92
CA PRO B 510 21.62 10.69 1.91
C PRO B 510 20.89 9.59 2.68
N TRP B 511 20.38 9.92 3.88
CA TRP B 511 19.64 8.95 4.67
C TRP B 511 18.58 8.32 3.80
N GLN B 512 17.76 9.16 3.17
CA GLN B 512 16.68 8.68 2.32
C GLN B 512 17.24 7.78 1.24
N ASN B 513 18.27 8.25 0.53
CA ASN B 513 18.85 7.44 -0.52
C ASN B 513 19.18 6.06 0.01
N GLU B 514 19.91 6.02 1.11
CA GLU B 514 20.18 4.78 1.82
C GLU B 514 18.95 3.88 1.86
N MET B 515 17.86 4.41 2.41
CA MET B 515 16.64 3.62 2.54
C MET B 515 16.27 2.96 1.23
N VAL B 516 16.48 3.67 0.13
CA VAL B 516 16.00 3.21 -1.15
C VAL B 516 16.91 2.13 -1.71
N GLU B 517 18.21 2.39 -1.62
CA GLU B 517 19.22 1.47 -2.15
C GLU B 517 19.12 0.14 -1.43
N THR B 518 19.01 0.20 -0.10
CA THR B 518 19.02 -1.00 0.73
C THR B 518 17.72 -1.79 0.61
N GLU B 519 16.80 -1.26 -0.20
CA GLU B 519 15.49 -1.86 -0.45
C GLU B 519 14.56 -1.82 0.75
N CYS B 520 15.03 -1.25 1.84
CA CYS B 520 14.19 -1.06 3.02
C CYS B 520 12.96 -0.26 2.71
N PHE B 521 13.09 0.75 1.86
CA PHE B 521 11.94 1.57 1.54
C PHE B 521 10.86 0.74 0.90
N GLN B 522 11.20 0.16 -0.24
CA GLN B 522 10.24 -0.60 -1.02
C GLN B 522 9.63 -1.74 -0.22
N GLU B 523 10.41 -2.31 0.69
CA GLU B 523 9.93 -3.40 1.53
C GLU B 523 8.94 -2.95 2.60
N LEU B 524 9.23 -1.87 3.30
CA LEU B 524 8.41 -1.38 4.39
C LEU B 524 7.26 -0.50 3.95
N ASN B 525 7.50 0.31 2.93
CA ASN B 525 6.58 1.35 2.54
C ASN B 525 5.26 0.78 2.08
N VAL B 526 5.32 -0.20 1.18
CA VAL B 526 4.12 -0.72 0.53
C VAL B 526 3.16 -1.34 1.52
N PHE B 527 1.93 -0.87 1.52
CA PHE B 527 0.90 -1.57 2.28
C PHE B 527 -0.28 -1.97 1.45
N GLY B 528 -0.84 -3.14 1.77
CA GLY B 528 -2.02 -3.67 1.11
C GLY B 528 -1.90 -5.12 0.68
N LEU B 529 -0.70 -5.67 0.79
CA LEU B 529 -0.44 -7.00 0.26
C LEU B 529 -0.41 -8.10 1.30
N ASP B 530 0.05 -7.76 2.50
CA ASP B 530 0.14 -8.76 3.56
C ASP B 530 -1.17 -8.88 4.29
N GLY B 531 -1.59 -10.11 4.57
CA GLY B 531 -2.84 -10.33 5.29
C GLY B 531 -4.09 -10.10 4.47
N SER B 532 -3.94 -9.38 3.36
CA SER B 532 -5.04 -9.01 2.48
C SER B 532 -5.83 -10.19 1.88
N VAL B 533 -5.45 -11.41 2.22
CA VAL B 533 -6.11 -12.58 1.67
C VAL B 533 -7.49 -12.75 2.34
N PRO B 534 -8.56 -12.55 1.56
CA PRO B 534 -9.92 -12.58 2.13
C PRO B 534 -10.20 -13.86 2.92
N PRO B 535 -10.57 -13.71 4.21
CA PRO B 535 -10.64 -14.85 5.10
C PRO B 535 -11.71 -15.85 4.66
N ASP B 536 -11.58 -17.09 5.11
CA ASP B 536 -12.49 -18.16 4.71
C ASP B 536 -13.78 -18.06 5.49
N LEU B 537 -13.68 -17.56 6.71
CA LEU B 537 -14.83 -17.44 7.59
C LEU B 537 -14.89 -16.07 8.21
N ASP B 538 -16.11 -15.59 8.43
CA ASP B 538 -16.32 -14.28 9.04
C ASP B 538 -15.95 -14.27 10.52
N TRP B 539 -16.32 -13.19 11.22
CA TRP B 539 -15.93 -13.00 12.62
C TRP B 539 -16.51 -14.05 13.54
N LYS B 540 -17.72 -14.49 13.22
CA LYS B 540 -18.42 -15.47 14.02
C LYS B 540 -18.21 -16.87 13.46
N GLY B 541 -17.14 -17.02 12.67
CA GLY B 541 -16.75 -18.31 12.14
C GLY B 541 -17.75 -18.93 11.20
N GLN B 542 -18.31 -18.12 10.30
CA GLN B 542 -19.24 -18.62 9.30
C GLN B 542 -18.72 -18.36 7.90
N PRO B 543 -19.11 -19.19 6.93
CA PRO B 543 -18.78 -18.94 5.53
C PRO B 543 -19.56 -17.76 4.98
N PRO B 544 -18.98 -17.03 4.02
CA PRO B 544 -19.70 -15.95 3.38
C PRO B 544 -20.70 -16.47 2.35
N ALA B 545 -21.32 -15.57 1.59
CA ALA B 545 -22.32 -15.94 0.59
C ALA B 545 -21.80 -15.73 -0.83
N PRO B 546 -21.43 -16.83 -1.52
CA PRO B 546 -21.38 -18.22 -1.08
C PRO B 546 -20.04 -18.56 -0.41
N PRO B 547 -19.85 -19.82 0.01
CA PRO B 547 -18.60 -20.20 0.68
C PRO B 547 -17.40 -20.36 -0.25
N LYS B 548 -16.21 -20.15 0.32
CA LYS B 548 -14.92 -20.35 -0.35
C LYS B 548 -14.77 -21.78 -0.85
N LYS B 549 -14.66 -21.92 -2.17
CA LYS B 549 -14.65 -23.23 -2.83
C LYS B 549 -13.44 -24.08 -2.45
N GLY B 550 -12.37 -23.42 -2.03
CA GLY B 550 -11.16 -24.11 -1.60
C GLY B 550 -11.29 -24.70 -0.20
N LEU B 551 -12.12 -24.09 0.63
CA LEU B 551 -12.33 -24.54 1.99
C LEU B 551 -13.08 -25.87 2.01
N LEU B 552 -14.19 -25.92 1.29
CA LEU B 552 -15.02 -27.10 1.22
C LEU B 552 -14.21 -28.35 0.98
N GLN B 553 -13.40 -28.32 -0.08
CA GLN B 553 -12.60 -29.47 -0.50
C GLN B 553 -11.66 -29.95 0.61
N ARG B 554 -11.03 -29.00 1.32
CA ARG B 554 -10.12 -29.35 2.40
C ARG B 554 -10.83 -29.58 3.74
N LEU B 555 -12.16 -29.61 3.71
CA LEU B 555 -12.95 -29.99 4.86
C LEU B 555 -13.57 -31.38 4.70
N PHE B 556 -13.45 -31.95 3.50
CA PHE B 556 -13.99 -33.27 3.21
C PHE B 556 -13.05 -34.11 2.34
N SER B 557 -13.47 -34.37 1.10
CA SER B 557 -12.71 -35.18 0.16
C SER B 557 -11.56 -34.38 -0.45
#